data_2NLM
# 
_entry.id   2NLM 
# 
_audit_conform.dict_name       mmcif_pdbx.dic 
_audit_conform.dict_version    5.377 
_audit_conform.dict_location   http://mmcif.pdb.org/dictionaries/ascii/mmcif_pdbx.dic 
# 
loop_
_database_2.database_id 
_database_2.database_code 
_database_2.pdbx_database_accession 
_database_2.pdbx_DOI 
PDB   2NLM         pdb_00002nlm 10.2210/pdb2nlm/pdb 
NDB   DD0087       ?            ?                   
RCSB  RCSB040013   ?            ?                   
WWPDB D_1000040013 ?            ?                   
# 
_pdbx_database_status.status_code                     REL 
_pdbx_database_status.entry_id                        2NLM 
_pdbx_database_status.recvd_initial_deposition_date   2006-10-20 
_pdbx_database_status.deposit_site                    RCSB 
_pdbx_database_status.process_site                    RCSB 
_pdbx_database_status.status_code_sf                  REL 
_pdbx_database_status.status_code_mr                  ? 
_pdbx_database_status.SG_entry                        ? 
_pdbx_database_status.pdb_format_compatible           Y 
_pdbx_database_status.status_code_cs                  ? 
_pdbx_database_status.methods_development_category    ? 
_pdbx_database_status.status_code_nmr_data            ? 
# 
loop_
_audit_author.name 
_audit_author.pdbx_ordinal 
'Lee, M.P.H.' 1 
'Neidle, S.'  2 
# 
_citation.id                        primary 
_citation.title                     'Crystal structure of the DB 911 - D(CGCGAATTCGCG)2 complex at 2.05 A resolution.' 
_citation.journal_abbrev            'To be Published' 
_citation.journal_volume            ? 
_citation.page_first                ? 
_citation.page_last                 ? 
_citation.year                      ? 
_citation.journal_id_ASTM           ? 
_citation.country                   ? 
_citation.journal_id_ISSN           ? 
_citation.journal_id_CSD            0353 
_citation.book_publisher            ? 
_citation.pdbx_database_id_PubMed   ? 
_citation.pdbx_database_id_DOI      ? 
# 
loop_
_citation_author.citation_id 
_citation_author.name 
_citation_author.ordinal 
_citation_author.identifier_ORCID 
primary 'Lee, M.P.H.' 1 ? 
primary 'Neidle, S.'  2 ? 
# 
_cell.entry_id           2NLM 
_cell.length_a           24.726 
_cell.length_b           40.065 
_cell.length_c           65.556 
_cell.angle_alpha        90.00 
_cell.angle_beta         90.00 
_cell.angle_gamma        90.00 
_cell.Z_PDB              8 
_cell.pdbx_unique_axis   ? 
_cell.length_a_esd       ? 
_cell.length_b_esd       ? 
_cell.length_c_esd       ? 
_cell.angle_alpha_esd    ? 
_cell.angle_beta_esd     ? 
_cell.angle_gamma_esd    ? 
# 
_symmetry.entry_id                         2NLM 
_symmetry.space_group_name_H-M             'P 21 21 21' 
_symmetry.pdbx_full_space_group_name_H-M   ? 
_symmetry.cell_setting                     ? 
_symmetry.Int_Tables_number                19 
_symmetry.space_group_name_Hall            ? 
# 
loop_
_entity.id 
_entity.type 
_entity.src_method 
_entity.pdbx_description 
_entity.formula_weight 
_entity.pdbx_number_of_molecules 
_entity.pdbx_ec 
_entity.pdbx_mutation 
_entity.pdbx_fragment 
_entity.details 
1 polymer     syn "5'-D(*CP*GP*CP*GP*AP*AP*TP*TP*CP*GP*CP*G)-3'"                                3663.392 2  ? ? ? ? 
2 non-polymer syn 'MAGNESIUM ION'                                                               24.305   1  ? ? ? ? 
3 non-polymer syn "2-{4'-[AMINO(IMINO)METHYL]BIPHENYL-3-YL}-1H-BENZIMIDAZOLE-6-CARBOXIMIDAMIDE" 354.408  1  ? ? ? ? 
4 water       nat water                                                                         18.015   45 ? ? ? ? 
# 
_entity_poly.entity_id                      1 
_entity_poly.type                           polydeoxyribonucleotide 
_entity_poly.nstd_linkage                   no 
_entity_poly.nstd_monomer                   no 
_entity_poly.pdbx_seq_one_letter_code       '(DC)(DG)(DC)(DG)(DA)(DA)(DT)(DT)(DC)(DG)(DC)(DG)' 
_entity_poly.pdbx_seq_one_letter_code_can   CGCGAATTCGCG 
_entity_poly.pdbx_strand_id                 A,B 
_entity_poly.pdbx_target_identifier         ? 
# 
loop_
_entity_poly_seq.entity_id 
_entity_poly_seq.num 
_entity_poly_seq.mon_id 
_entity_poly_seq.hetero 
1 1  DC n 
1 2  DG n 
1 3  DC n 
1 4  DG n 
1 5  DA n 
1 6  DA n 
1 7  DT n 
1 8  DT n 
1 9  DC n 
1 10 DG n 
1 11 DC n 
1 12 DG n 
# 
_pdbx_entity_src_syn.entity_id              1 
_pdbx_entity_src_syn.pdbx_src_id            1 
_pdbx_entity_src_syn.pdbx_alt_source_flag   sample 
_pdbx_entity_src_syn.pdbx_beg_seq_num       ? 
_pdbx_entity_src_syn.pdbx_end_seq_num       ? 
_pdbx_entity_src_syn.organism_scientific    ? 
_pdbx_entity_src_syn.organism_common_name   ? 
_pdbx_entity_src_syn.ncbi_taxonomy_id       ? 
_pdbx_entity_src_syn.details                'AT-RICH REGION IN THE GENOME OF ORGANISMS.' 
# 
_struct_ref.id                         1 
_struct_ref.entity_id                  1 
_struct_ref.db_name                    PDB 
_struct_ref.db_code                    2NLM 
_struct_ref.pdbx_db_accession          2NLM 
_struct_ref.pdbx_db_isoform            ? 
_struct_ref.pdbx_seq_one_letter_code   ? 
_struct_ref.pdbx_align_begin           ? 
# 
loop_
_struct_ref_seq.align_id 
_struct_ref_seq.ref_id 
_struct_ref_seq.pdbx_PDB_id_code 
_struct_ref_seq.pdbx_strand_id 
_struct_ref_seq.seq_align_beg 
_struct_ref_seq.pdbx_seq_align_beg_ins_code 
_struct_ref_seq.seq_align_end 
_struct_ref_seq.pdbx_seq_align_end_ins_code 
_struct_ref_seq.pdbx_db_accession 
_struct_ref_seq.db_align_beg 
_struct_ref_seq.pdbx_db_align_beg_ins_code 
_struct_ref_seq.db_align_end 
_struct_ref_seq.pdbx_db_align_end_ins_code 
_struct_ref_seq.pdbx_auth_seq_align_beg 
_struct_ref_seq.pdbx_auth_seq_align_end 
1 1 2NLM A 1 ? 12 ? 2NLM 1  ? 12 ? 1  12 
2 1 2NLM B 1 ? 12 ? 2NLM 13 ? 24 ? 13 24 
# 
loop_
_chem_comp.id 
_chem_comp.type 
_chem_comp.mon_nstd_flag 
_chem_comp.name 
_chem_comp.pdbx_synonyms 
_chem_comp.formula 
_chem_comp.formula_weight 
DA  'DNA linking' y "2'-DEOXYADENOSINE-5'-MONOPHOSPHATE"                                          ? 'C10 H14 N5 O6 P' 331.222 
DB9 non-polymer   . "2-{4'-[AMINO(IMINO)METHYL]BIPHENYL-3-YL}-1H-BENZIMIDAZOLE-6-CARBOXIMIDAMIDE" ? 'C21 H18 N6'      354.408 
DC  'DNA linking' y "2'-DEOXYCYTIDINE-5'-MONOPHOSPHATE"                                           ? 'C9 H14 N3 O7 P'  307.197 
DG  'DNA linking' y "2'-DEOXYGUANOSINE-5'-MONOPHOSPHATE"                                          ? 'C10 H14 N5 O7 P' 347.221 
DT  'DNA linking' y "THYMIDINE-5'-MONOPHOSPHATE"                                                  ? 'C10 H15 N2 O8 P' 322.208 
HOH non-polymer   . WATER                                                                         ? 'H2 O'            18.015  
MG  non-polymer   . 'MAGNESIUM ION'                                                               ? 'Mg 2'            24.305  
# 
_exptl.entry_id          2NLM 
_exptl.method            'X-RAY DIFFRACTION' 
_exptl.crystals_number   1 
# 
_exptl_crystal.id                    1 
_exptl_crystal.density_meas          ? 
_exptl_crystal.density_Matthews      2.12 
_exptl_crystal.density_percent_sol   42.07 
_exptl_crystal.description           ? 
_exptl_crystal.F_000                 ? 
_exptl_crystal.preparation           ? 
# 
_exptl_crystal_grow.crystal_id      1 
_exptl_crystal_grow.method          'VAPOR DIFFUSION, HANGING DROP' 
_exptl_crystal_grow.temp            293 
_exptl_crystal_grow.temp_details    ? 
_exptl_crystal_grow.pH              7.00 
_exptl_crystal_grow.pdbx_details    
;MAGNESIUM CHLORIDE, DNA DODECAMER, MPD, COMPOUND DB 911, SODIUM CACODYLATE BUFFER, VAPOR DIFFUSION, HANGING DROP, temperature 293K, pH 7.00
;
_exptl_crystal_grow.pdbx_pH_range   . 
# 
loop_
_exptl_crystal_grow_comp.crystal_id 
_exptl_crystal_grow_comp.id 
_exptl_crystal_grow_comp.sol_id 
_exptl_crystal_grow_comp.name 
_exptl_crystal_grow_comp.volume 
_exptl_crystal_grow_comp.conc 
_exptl_crystal_grow_comp.details 
1 1 1 'MAGNESIUM CHLORIDE' ? ? ? 
1 2 1 MPD                  ? ? ? 
1 3 1 'SODIUM CACODYLATE'  ? ? ? 
1 4 1 H2O                  ? ? ? 
1 5 2 'MAGNESIUM CHLORIDE' ? ? ? 
1 6 2 MPD                  ? ? ? 
1 7 2 'SODIUM CACODYLATE'  ? ? ? 
1 8 2 H2O                  ? ? ? 
# 
_diffrn.id                     1 
_diffrn.ambient_temp           105.0 
_diffrn.ambient_temp_details   ? 
_diffrn.crystal_id             1 
# 
_diffrn_detector.diffrn_id              1 
_diffrn_detector.detector               'IMAGE PLATE' 
_diffrn_detector.type                   'RIGAKU RAXIS IV' 
_diffrn_detector.pdbx_collection_date   2006-07-31 
_diffrn_detector.details                'OSMIC FOCUSING MIRROR SYSTEM' 
# 
_diffrn_radiation.diffrn_id                        1 
_diffrn_radiation.wavelength_id                    1 
_diffrn_radiation.pdbx_monochromatic_or_laue_m_l   M 
_diffrn_radiation.monochromator                    'NI FILTER' 
_diffrn_radiation.pdbx_diffrn_protocol             'SINGLE WAVELENGTH' 
_diffrn_radiation.pdbx_scattering_type             x-ray 
# 
_diffrn_radiation_wavelength.id           1 
_diffrn_radiation_wavelength.wavelength   1.54178 
_diffrn_radiation_wavelength.wt           1.0 
# 
_diffrn_source.diffrn_id                   1 
_diffrn_source.source                      'ROTATING ANODE' 
_diffrn_source.type                        'RIGAKU RU200' 
_diffrn_source.pdbx_synchrotron_site       ? 
_diffrn_source.pdbx_synchrotron_beamline   ? 
_diffrn_source.pdbx_wavelength             1.54178 
_diffrn_source.pdbx_wavelength_list        ? 
# 
_reflns.entry_id                     2NLM 
_reflns.observed_criterion_sigma_I   3.000 
_reflns.observed_criterion_sigma_F   ? 
_reflns.d_resolution_low             20.030 
_reflns.d_resolution_high            2.050 
_reflns.number_obs                   4291 
_reflns.number_all                   ? 
_reflns.percent_possible_obs         97.6 
_reflns.pdbx_Rmerge_I_obs            0.039 
_reflns.pdbx_Rsym_value              ? 
_reflns.pdbx_netI_over_sigmaI        16.4000 
_reflns.B_iso_Wilson_estimate        ? 
_reflns.pdbx_redundancy              3.360 
_reflns.R_free_details               ? 
_reflns.pdbx_chi_squared             ? 
_reflns.pdbx_scaling_rejects         ? 
_reflns.pdbx_diffrn_id               1 
_reflns.pdbx_ordinal                 1 
# 
_reflns_shell.d_res_high             2.05 
_reflns_shell.d_res_low              2.12 
_reflns_shell.percent_possible_all   98.8 
_reflns_shell.Rmerge_I_obs           0.229 
_reflns_shell.pdbx_Rsym_value        ? 
_reflns_shell.meanI_over_sigI_obs    5.000 
_reflns_shell.pdbx_redundancy        3.34 
_reflns_shell.percent_possible_obs   ? 
_reflns_shell.number_unique_all      ? 
_reflns_shell.number_measured_all    ? 
_reflns_shell.number_measured_obs    ? 
_reflns_shell.number_unique_obs      ? 
_reflns_shell.pdbx_chi_squared       ? 
_reflns_shell.pdbx_diffrn_id         ? 
_reflns_shell.pdbx_ordinal           1 
# 
_refine.entry_id                                 2NLM 
_refine.ls_number_reflns_obs                     4291 
_refine.ls_number_reflns_all                     4214 
_refine.pdbx_ls_sigma_I                          ? 
_refine.pdbx_ls_sigma_F                          4.000 
_refine.pdbx_data_cutoff_high_absF               ? 
_refine.pdbx_data_cutoff_low_absF                ? 
_refine.pdbx_data_cutoff_high_rms_absF           ? 
_refine.ls_d_res_low                             8.00 
_refine.ls_d_res_high                            2.05 
_refine.ls_percent_reflns_obs                    97.7 
_refine.ls_R_factor_obs                          0.256 
_refine.ls_R_factor_all                          0.258 
_refine.ls_R_factor_R_work                       0.256 
_refine.ls_R_factor_R_free                       0.329 
_refine.ls_R_factor_R_free_error                 ? 
_refine.ls_R_factor_R_free_error_details         ? 
_refine.ls_percent_reflns_R_free                 9.97 
_refine.ls_number_reflns_R_free                  420 
_refine.ls_number_parameters                     2239 
_refine.ls_number_restraints                     2544 
_refine.occupancy_min                            ? 
_refine.occupancy_max                            ? 
_refine.correlation_coeff_Fo_to_Fc               ? 
_refine.correlation_coeff_Fo_to_Fc_free          ? 
_refine.B_iso_mean                               ? 
_refine.aniso_B[1][1]                            ? 
_refine.aniso_B[2][2]                            ? 
_refine.aniso_B[3][3]                            ? 
_refine.aniso_B[1][2]                            ? 
_refine.aniso_B[1][3]                            ? 
_refine.aniso_B[2][3]                            ? 
_refine.solvent_model_details                    'MOEWS & KRETSINGER, J.MOL.BIOL.91(1973)201-228' 
_refine.solvent_model_param_ksol                 ? 
_refine.solvent_model_param_bsol                 ? 
_refine.pdbx_solvent_vdw_probe_radii             ? 
_refine.pdbx_solvent_ion_probe_radii             ? 
_refine.pdbx_solvent_shrinkage_radii             ? 
_refine.pdbx_ls_cross_valid_method               THROUGHOUT 
_refine.details                                  ? 
_refine.pdbx_starting_model                      'DNA PART OF NDB ENTRY GDL009 OR PDB ENTRY 2DBE.' 
_refine.pdbx_method_to_determine_struct          'MOLECULAR REPLACEMENT' 
_refine.pdbx_isotropic_thermal_model             ? 
_refine.pdbx_stereochemistry_target_values       'Engh & Huber' 
_refine.pdbx_stereochem_target_val_spec_case     ? 
_refine.pdbx_R_Free_selection_details            RANDOM 
_refine.pdbx_overall_ESU_R                       ? 
_refine.pdbx_overall_ESU_R_Free                  ? 
_refine.overall_SU_ML                            ? 
_refine.overall_SU_B                             ? 
_refine.ls_redundancy_reflns_obs                 ? 
_refine.overall_SU_R_Cruickshank_DPI             ? 
_refine.overall_SU_R_free                        ? 
_refine.ls_wR_factor_R_free                      ? 
_refine.ls_wR_factor_R_work                      ? 
_refine.overall_FOM_free_R_set                   ? 
_refine.overall_FOM_work_R_set                   ? 
_refine.pdbx_refine_id                           'X-RAY DIFFRACTION' 
_refine.pdbx_diffrn_id                           1 
_refine.pdbx_TLS_residual_ADP_flag               ? 
_refine.pdbx_overall_phase_error                 ? 
_refine.pdbx_overall_SU_R_free_Cruickshank_DPI   ? 
_refine.pdbx_overall_SU_R_Blow_DPI               ? 
_refine.pdbx_overall_SU_R_free_Blow_DPI          ? 
# 
_refine_analyze.entry_id                        2NLM 
_refine_analyze.Luzzati_coordinate_error_obs    ? 
_refine_analyze.Luzzati_sigma_a_obs             ? 
_refine_analyze.Luzzati_d_res_low_obs           ? 
_refine_analyze.Luzzati_coordinate_error_free   ? 
_refine_analyze.Luzzati_sigma_a_free            ? 
_refine_analyze.Luzzati_d_res_low_free          ? 
_refine_analyze.number_disordered_residues      0 
_refine_analyze.occupancy_sum_hydrogen          0.00 
_refine_analyze.occupancy_sum_non_hydrogen      559.00 
_refine_analyze.pdbx_refine_id                  'X-RAY DIFFRACTION' 
# 
_refine_hist.pdbx_refine_id                   'X-RAY DIFFRACTION' 
_refine_hist.cycle_id                         LAST 
_refine_hist.pdbx_number_atoms_protein        0 
_refine_hist.pdbx_number_atoms_nucleic_acid   486 
_refine_hist.pdbx_number_atoms_ligand         28 
_refine_hist.number_atoms_solvent             45 
_refine_hist.number_atoms_total               559 
_refine_hist.d_res_high                       2.05 
_refine_hist.d_res_low                        8.00 
# 
loop_
_refine_ls_restr.type 
_refine_ls_restr.dev_ideal 
_refine_ls_restr.dev_ideal_target 
_refine_ls_restr.weight 
_refine_ls_restr.number 
_refine_ls_restr.pdbx_refine_id 
_refine_ls_restr.pdbx_restraint_function 
s_bond_d               0.006 ? ? ? 'X-RAY DIFFRACTION' ? 
s_angle_d              0.024 ? ? ? 'X-RAY DIFFRACTION' ? 
s_similar_dist         0.000 ? ? ? 'X-RAY DIFFRACTION' ? 
s_from_restr_planes    0.010 ? ? ? 'X-RAY DIFFRACTION' ? 
s_zero_chiral_vol      0.000 ? ? ? 'X-RAY DIFFRACTION' ? 
s_non_zero_chiral_vol  0.006 ? ? ? 'X-RAY DIFFRACTION' ? 
s_anti_bump_dis_restr  0.006 ? ? ? 'X-RAY DIFFRACTION' ? 
s_rigid_bond_adp_cmpnt 0.000 ? ? ? 'X-RAY DIFFRACTION' ? 
s_similar_adp_cmpnt    0.072 ? ? ? 'X-RAY DIFFRACTION' ? 
s_approx_iso_adps      0.000 ? ? ? 'X-RAY DIFFRACTION' ? 
# 
_pdbx_refine.entry_id                                    2NLM 
_pdbx_refine.R_factor_all_no_cutoff                      0.258 
_pdbx_refine.R_factor_obs_no_cutoff                      0.256 
_pdbx_refine.free_R_factor_no_cutoff                     0.329 
_pdbx_refine.free_R_error_no_cutoff                      ? 
_pdbx_refine.free_R_val_test_set_size_perc_no_cutoff     9.97 
_pdbx_refine.free_R_val_test_set_ct_no_cutoff            420 
_pdbx_refine.R_factor_all_4sig_cutoff                    0.241 
_pdbx_refine.R_factor_obs_4sig_cutoff                    0.237 
_pdbx_refine.free_R_factor_4sig_cutoff                   0.315 
_pdbx_refine.free_R_val_test_set_size_perc_4sig_cutoff   10.36 
_pdbx_refine.free_R_val_test_set_ct_4sig_cutoff          376 
_pdbx_refine.number_reflns_obs_4sig_cutoff               3631 
_pdbx_refine.pdbx_refine_id                              'X-RAY DIFFRACTION' 
# 
_struct.entry_id                  2NLM 
_struct.title                     'Crystal structure of the DB 911- D(CGCGAATTCGCG)2 complex at 2.05 A resolution.' 
_struct.pdbx_model_details        ? 
_struct.pdbx_CASP_flag            ? 
_struct.pdbx_model_type_details   ? 
# 
_struct_keywords.entry_id        2NLM 
_struct_keywords.pdbx_keywords   DNA 
_struct_keywords.text            'B-TYPE DNA DODECAMER WITH COMPOUND DB 911., DNA' 
# 
loop_
_struct_asym.id 
_struct_asym.pdbx_blank_PDB_chainid_flag 
_struct_asym.pdbx_modified 
_struct_asym.entity_id 
_struct_asym.details 
A N N 1 ? 
B N N 1 ? 
C N N 2 ? 
D N N 3 ? 
E N N 4 ? 
F N N 4 ? 
# 
_struct_biol.id        1 
_struct_biol.details   ? 
# 
loop_
_struct_conn.id 
_struct_conn.conn_type_id 
_struct_conn.pdbx_leaving_atom_flag 
_struct_conn.pdbx_PDB_id 
_struct_conn.ptnr1_label_asym_id 
_struct_conn.ptnr1_label_comp_id 
_struct_conn.ptnr1_label_seq_id 
_struct_conn.ptnr1_label_atom_id 
_struct_conn.pdbx_ptnr1_label_alt_id 
_struct_conn.pdbx_ptnr1_PDB_ins_code 
_struct_conn.pdbx_ptnr1_standard_comp_id 
_struct_conn.ptnr1_symmetry 
_struct_conn.ptnr2_label_asym_id 
_struct_conn.ptnr2_label_comp_id 
_struct_conn.ptnr2_label_seq_id 
_struct_conn.ptnr2_label_atom_id 
_struct_conn.pdbx_ptnr2_label_alt_id 
_struct_conn.pdbx_ptnr2_PDB_ins_code 
_struct_conn.ptnr1_auth_asym_id 
_struct_conn.ptnr1_auth_comp_id 
_struct_conn.ptnr1_auth_seq_id 
_struct_conn.ptnr2_auth_asym_id 
_struct_conn.ptnr2_auth_comp_id 
_struct_conn.ptnr2_auth_seq_id 
_struct_conn.ptnr2_symmetry 
_struct_conn.pdbx_ptnr3_label_atom_id 
_struct_conn.pdbx_ptnr3_label_seq_id 
_struct_conn.pdbx_ptnr3_label_comp_id 
_struct_conn.pdbx_ptnr3_label_asym_id 
_struct_conn.pdbx_ptnr3_label_alt_id 
_struct_conn.pdbx_ptnr3_PDB_ins_code 
_struct_conn.details 
_struct_conn.pdbx_dist_value 
_struct_conn.pdbx_value_order 
_struct_conn.pdbx_role 
metalc1  metalc ? ? C MG .  MG ? ? ? 1_555 E HOH .  O  ? ? A MG 26 A HOH 50 1_555 ? ? ? ? ? ? ?            2.117 ? ? 
metalc2  metalc ? ? C MG .  MG ? ? ? 1_555 E HOH .  O  ? ? A MG 26 A HOH 51 1_555 ? ? ? ? ? ? ?            2.130 ? ? 
metalc3  metalc ? ? C MG .  MG ? ? ? 1_555 E HOH .  O  ? ? A MG 26 A HOH 52 1_555 ? ? ? ? ? ? ?            2.124 ? ? 
metalc4  metalc ? ? C MG .  MG ? ? ? 1_555 F HOH .  O  ? ? A MG 26 B HOH 42 1_555 ? ? ? ? ? ? ?            2.122 ? ? 
metalc5  metalc ? ? C MG .  MG ? ? ? 1_555 F HOH .  O  ? ? A MG 26 B HOH 43 1_555 ? ? ? ? ? ? ?            2.129 ? ? 
metalc6  metalc ? ? C MG .  MG ? ? ? 1_555 F HOH .  O  ? ? A MG 26 B HOH 44 1_555 ? ? ? ? ? ? ?            2.123 ? ? 
hydrog1  hydrog ? ? A DC 1  N3 ? ? ? 1_555 B DG  12 N1 ? ? A DC 1  B DG  24 1_555 ? ? ? ? ? ? WATSON-CRICK ?     ? ? 
hydrog2  hydrog ? ? A DC 1  N4 ? ? ? 1_555 B DG  12 O6 ? ? A DC 1  B DG  24 1_555 ? ? ? ? ? ? WATSON-CRICK ?     ? ? 
hydrog3  hydrog ? ? A DC 1  O2 ? ? ? 1_555 B DG  12 N2 ? ? A DC 1  B DG  24 1_555 ? ? ? ? ? ? WATSON-CRICK ?     ? ? 
hydrog4  hydrog ? ? A DG 2  N1 ? ? ? 1_555 B DC  11 N3 ? ? A DG 2  B DC  23 1_555 ? ? ? ? ? ? WATSON-CRICK ?     ? ? 
hydrog5  hydrog ? ? A DG 2  N2 ? ? ? 1_555 B DC  11 O2 ? ? A DG 2  B DC  23 1_555 ? ? ? ? ? ? WATSON-CRICK ?     ? ? 
hydrog6  hydrog ? ? A DG 2  O6 ? ? ? 1_555 B DC  11 N4 ? ? A DG 2  B DC  23 1_555 ? ? ? ? ? ? WATSON-CRICK ?     ? ? 
hydrog7  hydrog ? ? A DC 3  N3 ? ? ? 1_555 B DG  10 N1 ? ? A DC 3  B DG  22 1_555 ? ? ? ? ? ? WATSON-CRICK ?     ? ? 
hydrog8  hydrog ? ? A DC 3  N4 ? ? ? 1_555 B DG  10 O6 ? ? A DC 3  B DG  22 1_555 ? ? ? ? ? ? WATSON-CRICK ?     ? ? 
hydrog9  hydrog ? ? A DC 3  O2 ? ? ? 1_555 B DG  10 N2 ? ? A DC 3  B DG  22 1_555 ? ? ? ? ? ? WATSON-CRICK ?     ? ? 
hydrog10 hydrog ? ? A DG 4  N1 ? ? ? 1_555 B DC  9  N3 ? ? A DG 4  B DC  21 1_555 ? ? ? ? ? ? WATSON-CRICK ?     ? ? 
hydrog11 hydrog ? ? A DG 4  N2 ? ? ? 1_555 B DC  9  O2 ? ? A DG 4  B DC  21 1_555 ? ? ? ? ? ? WATSON-CRICK ?     ? ? 
hydrog12 hydrog ? ? A DG 4  O6 ? ? ? 1_555 B DC  9  N4 ? ? A DG 4  B DC  21 1_555 ? ? ? ? ? ? WATSON-CRICK ?     ? ? 
hydrog13 hydrog ? ? A DA 5  N1 ? ? ? 1_555 B DT  8  N3 ? ? A DA 5  B DT  20 1_555 ? ? ? ? ? ? WATSON-CRICK ?     ? ? 
hydrog14 hydrog ? ? A DA 5  N6 ? ? ? 1_555 B DT  8  O4 ? ? A DA 5  B DT  20 1_555 ? ? ? ? ? ? WATSON-CRICK ?     ? ? 
hydrog15 hydrog ? ? A DA 6  N1 ? ? ? 1_555 B DT  7  N3 ? ? A DA 6  B DT  19 1_555 ? ? ? ? ? ? WATSON-CRICK ?     ? ? 
hydrog16 hydrog ? ? A DA 6  N6 ? ? ? 1_555 B DT  7  O4 ? ? A DA 6  B DT  19 1_555 ? ? ? ? ? ? WATSON-CRICK ?     ? ? 
hydrog17 hydrog ? ? A DT 7  N3 ? ? ? 1_555 B DA  6  N1 ? ? A DT 7  B DA  18 1_555 ? ? ? ? ? ? WATSON-CRICK ?     ? ? 
hydrog18 hydrog ? ? A DT 7  O4 ? ? ? 1_555 B DA  6  N6 ? ? A DT 7  B DA  18 1_555 ? ? ? ? ? ? WATSON-CRICK ?     ? ? 
hydrog19 hydrog ? ? A DT 8  N3 ? ? ? 1_555 B DA  5  N1 ? ? A DT 8  B DA  17 1_555 ? ? ? ? ? ? WATSON-CRICK ?     ? ? 
hydrog20 hydrog ? ? A DT 8  O4 ? ? ? 1_555 B DA  5  N6 ? ? A DT 8  B DA  17 1_555 ? ? ? ? ? ? WATSON-CRICK ?     ? ? 
hydrog21 hydrog ? ? A DC 9  N3 ? ? ? 1_555 B DG  4  N1 ? ? A DC 9  B DG  16 1_555 ? ? ? ? ? ? WATSON-CRICK ?     ? ? 
hydrog22 hydrog ? ? A DC 9  N4 ? ? ? 1_555 B DG  4  O6 ? ? A DC 9  B DG  16 1_555 ? ? ? ? ? ? WATSON-CRICK ?     ? ? 
hydrog23 hydrog ? ? A DC 9  O2 ? ? ? 1_555 B DG  4  N2 ? ? A DC 9  B DG  16 1_555 ? ? ? ? ? ? WATSON-CRICK ?     ? ? 
hydrog24 hydrog ? ? A DG 10 N1 ? ? ? 1_555 B DC  3  N3 ? ? A DG 10 B DC  15 1_555 ? ? ? ? ? ? WATSON-CRICK ?     ? ? 
hydrog25 hydrog ? ? A DG 10 N2 ? ? ? 1_555 B DC  3  O2 ? ? A DG 10 B DC  15 1_555 ? ? ? ? ? ? WATSON-CRICK ?     ? ? 
hydrog26 hydrog ? ? A DG 10 O6 ? ? ? 1_555 B DC  3  N4 ? ? A DG 10 B DC  15 1_555 ? ? ? ? ? ? WATSON-CRICK ?     ? ? 
hydrog27 hydrog ? ? A DC 11 N3 ? ? ? 1_555 B DG  2  N1 ? ? A DC 11 B DG  14 1_555 ? ? ? ? ? ? WATSON-CRICK ?     ? ? 
hydrog28 hydrog ? ? A DC 11 N4 ? ? ? 1_555 B DG  2  O6 ? ? A DC 11 B DG  14 1_555 ? ? ? ? ? ? WATSON-CRICK ?     ? ? 
hydrog29 hydrog ? ? A DC 11 O2 ? ? ? 1_555 B DG  2  N2 ? ? A DC 11 B DG  14 1_555 ? ? ? ? ? ? WATSON-CRICK ?     ? ? 
hydrog30 hydrog ? ? A DG 12 N1 ? ? ? 1_555 B DC  1  N3 ? ? A DG 12 B DC  13 1_555 ? ? ? ? ? ? WATSON-CRICK ?     ? ? 
hydrog31 hydrog ? ? A DG 12 N2 ? ? ? 1_555 B DC  1  O2 ? ? A DG 12 B DC  13 1_555 ? ? ? ? ? ? WATSON-CRICK ?     ? ? 
hydrog32 hydrog ? ? A DG 12 O6 ? ? ? 1_555 B DC  1  N4 ? ? A DG 12 B DC  13 1_555 ? ? ? ? ? ? WATSON-CRICK ?     ? ? 
# 
loop_
_struct_conn_type.id 
_struct_conn_type.criteria 
_struct_conn_type.reference 
metalc ? ? 
hydrog ? ? 
# 
loop_
_struct_site.id 
_struct_site.pdbx_evidence_code 
_struct_site.pdbx_auth_asym_id 
_struct_site.pdbx_auth_comp_id 
_struct_site.pdbx_auth_seq_id 
_struct_site.pdbx_auth_ins_code 
_struct_site.pdbx_num_residues 
_struct_site.details 
AC1 Software A MG  26 ? 6  'BINDING SITE FOR RESIDUE MG A 26'  
AC2 Software B DB9 25 ? 11 'BINDING SITE FOR RESIDUE DB9 B 25' 
1   ?        ? ?   ?  ? ?  ?                                   
# 
loop_
_struct_site_gen.id 
_struct_site_gen.site_id 
_struct_site_gen.pdbx_num_res 
_struct_site_gen.label_comp_id 
_struct_site_gen.label_asym_id 
_struct_site_gen.label_seq_id 
_struct_site_gen.pdbx_auth_ins_code 
_struct_site_gen.auth_comp_id 
_struct_site_gen.auth_asym_id 
_struct_site_gen.auth_seq_id 
_struct_site_gen.label_atom_id 
_struct_site_gen.label_alt_id 
_struct_site_gen.symmetry 
_struct_site_gen.details 
1  AC1 6  HOH E . ? HOH A 50 . ? 1_555 ? 
2  AC1 6  HOH E . ? HOH A 51 . ? 1_555 ? 
3  AC1 6  HOH E . ? HOH A 52 . ? 1_555 ? 
4  AC1 6  HOH F . ? HOH B 42 . ? 1_555 ? 
5  AC1 6  HOH F . ? HOH B 43 . ? 1_555 ? 
6  AC1 6  HOH F . ? HOH B 44 . ? 1_555 ? 
7  AC2 11 DA  A 6 ? DA  A 6  . ? 1_555 ? 
8  AC2 11 DT  A 7 ? DT  A 7  . ? 1_555 ? 
9  AC2 11 DT  A 8 ? DT  A 8  . ? 1_555 ? 
10 AC2 11 DC  A 9 ? DC  A 9  . ? 1_555 ? 
11 AC2 11 HOH E . ? HOH A 37 . ? 1_555 ? 
12 AC2 11 DA  B 5 ? DA  B 17 . ? 1_555 ? 
13 AC2 11 DA  B 6 ? DA  B 18 . ? 1_555 ? 
14 AC2 11 DT  B 7 ? DT  B 19 . ? 1_555 ? 
15 AC2 11 DT  B 8 ? DT  B 20 . ? 1_555 ? 
16 AC2 11 DC  B 9 ? DC  B 21 . ? 1_555 ? 
17 AC2 11 HOH F . ? HOH B 27 . ? 1_555 ? 
# 
_atom_sites.entry_id                    2NLM 
_atom_sites.fract_transf_matrix[1][1]   0.01017393 
_atom_sites.fract_transf_matrix[1][2]   -0.01085658 
_atom_sites.fract_transf_matrix[1][3]   -0.03760668 
_atom_sites.fract_transf_matrix[2][1]   0.02314806 
_atom_sites.fract_transf_matrix[2][2]   -0.00518698 
_atom_sites.fract_transf_matrix[2][3]   0.00775978 
_atom_sites.fract_transf_matrix[3][1]   -0.00422084 
_atom_sites.fract_transf_matrix[3][2]   -0.01434809 
_atom_sites.fract_transf_matrix[3][3]   0.00300023 
_atom_sites.fract_transf_vector[1]      0.575306 
_atom_sites.fract_transf_vector[2]      0.521903 
_atom_sites.fract_transf_vector[3]      0.139225 
# 
loop_
_atom_type.symbol 
C  
MG 
N  
O  
P  
# 
loop_
_atom_site.group_PDB 
_atom_site.id 
_atom_site.type_symbol 
_atom_site.label_atom_id 
_atom_site.label_alt_id 
_atom_site.label_comp_id 
_atom_site.label_asym_id 
_atom_site.label_entity_id 
_atom_site.label_seq_id 
_atom_site.pdbx_PDB_ins_code 
_atom_site.Cartn_x 
_atom_site.Cartn_y 
_atom_site.Cartn_z 
_atom_site.occupancy 
_atom_site.B_iso_or_equiv 
_atom_site.pdbx_formal_charge 
_atom_site.auth_seq_id 
_atom_site.auth_comp_id 
_atom_site.auth_asym_id 
_atom_site.auth_atom_id 
_atom_site.pdbx_PDB_model_num 
ATOM   1   O  "O5'" . DC  A 1 1  ? 9.842   -18.396 1.873   1.00 32.33 ? 1  DC  A "O5'" 1 
ATOM   2   C  "C5'" . DC  A 1 1  ? 8.472   -18.134 2.197   1.00 29.08 ? 1  DC  A "C5'" 1 
ATOM   3   C  "C4'" . DC  A 1 1  ? 7.640   -18.072 0.939   1.00 32.82 ? 1  DC  A "C4'" 1 
ATOM   4   O  "O4'" . DC  A 1 1  ? 6.243   -18.202 1.279   1.00 31.58 ? 1  DC  A "O4'" 1 
ATOM   5   C  "C3'" . DC  A 1 1  ? 7.715   -16.769 0.161   1.00 38.60 ? 1  DC  A "C3'" 1 
ATOM   6   O  "O3'" . DC  A 1 1  ? 7.472   -16.988 -1.224  1.00 46.61 ? 1  DC  A "O3'" 1 
ATOM   7   C  "C2'" . DC  A 1 1  ? 6.652   -15.938 0.842   1.00 32.30 ? 1  DC  A "C2'" 1 
ATOM   8   C  "C1'" . DC  A 1 1  ? 5.558   -16.982 0.971   1.00 33.13 ? 1  DC  A "C1'" 1 
ATOM   9   N  N1    . DC  A 1 1  ? 4.570   -16.812 2.044   1.00 30.57 ? 1  DC  A N1    1 
ATOM   10  C  C2    . DC  A 1 1  ? 3.283   -17.311 1.769   1.00 32.95 ? 1  DC  A C2    1 
ATOM   11  O  O2    . DC  A 1 1  ? 3.118   -17.839 0.657   1.00 33.45 ? 1  DC  A O2    1 
ATOM   12  N  N3    . DC  A 1 1  ? 2.317   -17.200 2.699   1.00 29.53 ? 1  DC  A N3    1 
ATOM   13  C  C4    . DC  A 1 1  ? 2.581   -16.619 3.872   1.00 32.73 ? 1  DC  A C4    1 
ATOM   14  N  N4    . DC  A 1 1  ? 1.587   -16.530 4.762   1.00 31.28 ? 1  DC  A N4    1 
ATOM   15  C  C5    . DC  A 1 1  ? 3.876   -16.105 4.174   1.00 31.73 ? 1  DC  A C5    1 
ATOM   16  C  C6    . DC  A 1 1  ? 4.827   -16.225 3.239   1.00 26.70 ? 1  DC  A C6    1 
ATOM   17  P  P     . DG  A 1 2  ? 7.748   -15.859 -2.329  1.00 57.32 ? 2  DG  A P     1 
ATOM   18  O  OP1   . DG  A 1 2  ? 8.507   -16.490 -3.436  1.00 69.80 ? 2  DG  A OP1   1 
ATOM   19  O  OP2   . DG  A 1 2  ? 8.292   -14.655 -1.649  1.00 42.31 ? 2  DG  A OP2   1 
ATOM   20  O  "O5'" . DG  A 1 2  ? 6.296   -15.478 -2.882  1.00 54.43 ? 2  DG  A "O5'" 1 
ATOM   21  C  "C5'" . DG  A 1 2  ? 5.377   -16.511 -3.247  1.00 49.36 ? 2  DG  A "C5'" 1 
ATOM   22  C  "C4'" . DG  A 1 2  ? 4.135   -15.931 -3.873  1.00 42.18 ? 2  DG  A "C4'" 1 
ATOM   23  O  "O4'" . DG  A 1 2  ? 3.125   -15.768 -2.851  1.00 39.48 ? 2  DG  A "O4'" 1 
ATOM   24  C  "C3'" . DG  A 1 2  ? 4.274   -14.547 -4.499  1.00 35.49 ? 2  DG  A "C3'" 1 
ATOM   25  O  "O3'" . DG  A 1 2  ? 3.434   -14.450 -5.644  1.00 39.75 ? 2  DG  A "O3'" 1 
ATOM   26  C  "C2'" . DG  A 1 2  ? 3.874   -13.608 -3.395  1.00 25.07 ? 2  DG  A "C2'" 1 
ATOM   27  C  "C1'" . DG  A 1 2  ? 2.759   -14.394 -2.725  1.00 25.86 ? 2  DG  A "C1'" 1 
ATOM   28  N  N9    . DG  A 1 2  ? 2.565   -14.154 -1.290  1.00 27.92 ? 2  DG  A N9    1 
ATOM   29  C  C8    . DG  A 1 2  ? 3.453   -13.702 -0.349  1.00 27.76 ? 2  DG  A C8    1 
ATOM   30  N  N7    . DG  A 1 2  ? 2.940   -13.603 0.849   1.00 29.04 ? 2  DG  A N7    1 
ATOM   31  C  C5    . DG  A 1 2  ? 1.623   -14.018 0.695   1.00 27.27 ? 2  DG  A C5    1 
ATOM   32  C  C6    . DG  A 1 2  ? 0.570   -14.129 1.636   1.00 22.02 ? 2  DG  A C6    1 
ATOM   33  O  O6    . DG  A 1 2  ? 0.590   -13.872 2.845   1.00 26.09 ? 2  DG  A O6    1 
ATOM   34  N  N1    . DG  A 1 2  ? -0.612  -14.590 1.058   1.00 28.02 ? 2  DG  A N1    1 
ATOM   35  C  C2    . DG  A 1 2  ? -0.749  -14.905 -0.270  1.00 30.17 ? 2  DG  A C2    1 
ATOM   36  N  N2    . DG  A 1 2  ? -1.952  -15.335 -0.670  1.00 31.36 ? 2  DG  A N2    1 
ATOM   37  N  N3    . DG  A 1 2  ? 0.226   -14.806 -1.159  1.00 35.00 ? 2  DG  A N3    1 
ATOM   38  C  C4    . DG  A 1 2  ? 1.376   -14.360 -0.614  1.00 32.78 ? 2  DG  A C4    1 
ATOM   39  P  P     . DC  A 1 3  ? 3.590   -13.279 -6.735  1.00 39.37 ? 3  DC  A P     1 
ATOM   40  O  OP1   . DC  A 1 3  ? 3.736   -13.940 -8.058  1.00 37.61 ? 3  DC  A OP1   1 
ATOM   41  O  OP2   . DC  A 1 3  ? 4.562   -12.298 -6.217  1.00 33.52 ? 3  DC  A OP2   1 
ATOM   42  O  "O5'" . DC  A 1 3  ? 2.127   -12.604 -6.720  1.00 32.63 ? 3  DC  A "O5'" 1 
ATOM   43  C  "C5'" . DC  A 1 3  ? 1.033   -13.534 -6.845  1.00 27.50 ? 3  DC  A "C5'" 1 
ATOM   44  C  "C4'" . DC  A 1 3  ? -0.169  -13.036 -6.102  1.00 25.02 ? 3  DC  A "C4'" 1 
ATOM   45  O  "O4'" . DC  A 1 3  ? 0.047   -13.118 -4.679  1.00 26.48 ? 3  DC  A "O4'" 1 
ATOM   46  C  "C3'" . DC  A 1 3  ? -0.509  -11.566 -6.345  1.00 31.30 ? 3  DC  A "C3'" 1 
ATOM   47  O  "O3'" . DC  A 1 3  ? -1.396  -11.445 -7.453  1.00 43.44 ? 3  DC  A "O3'" 1 
ATOM   48  C  "C2'" . DC  A 1 3  ? -1.139  -11.105 -5.066  1.00 29.03 ? 3  DC  A "C2'" 1 
ATOM   49  C  "C1'" . DC  A 1 3  ? -0.800  -12.169 -4.039  1.00 31.14 ? 3  DC  A "C1'" 1 
ATOM   50  N  N1    . DC  A 1 3  ? -0.080  -11.640 -2.874  1.00 34.62 ? 3  DC  A N1    1 
ATOM   51  C  C2    . DC  A 1 3  ? -0.711  -11.627 -1.633  1.00 35.57 ? 3  DC  A C2    1 
ATOM   52  O  O2    . DC  A 1 3  ? -1.867  -12.068 -1.555  1.00 36.49 ? 3  DC  A O2    1 
ATOM   53  N  N3    . DC  A 1 3  ? -0.045  -11.138 -0.556  1.00 28.57 ? 3  DC  A N3    1 
ATOM   54  C  C4    . DC  A 1 3  ? 1.201   -10.678 -0.718  1.00 30.30 ? 3  DC  A C4    1 
ATOM   55  N  N4    . DC  A 1 3  ? 1.851   -10.197 0.350   1.00 38.84 ? 3  DC  A N4    1 
ATOM   56  C  C5    . DC  A 1 3  ? 1.872   -10.679 -1.976  1.00 29.86 ? 3  DC  A C5    1 
ATOM   57  C  C6    . DC  A 1 3  ? 1.199   -11.165 -3.023  1.00 35.32 ? 3  DC  A C6    1 
ATOM   58  P  P     . DG  A 1 4  ? -1.666  -10.046 -8.189  1.00 45.62 ? 4  DG  A P     1 
ATOM   59  O  OP1   . DG  A 1 4  ? -2.109  -10.356 -9.577  1.00 65.13 ? 4  DG  A OP1   1 
ATOM   60  O  OP2   . DG  A 1 4  ? -0.507  -9.155  -7.967  1.00 46.08 ? 4  DG  A OP2   1 
ATOM   61  O  "O5'" . DG  A 1 4  ? -2.925  -9.453  -7.411  1.00 47.90 ? 4  DG  A "O5'" 1 
ATOM   62  C  "C5'" . DG  A 1 4  ? -4.166  -10.179 -7.417  1.00 42.09 ? 4  DG  A "C5'" 1 
ATOM   63  C  "C4'" . DG  A 1 4  ? -5.079  -9.606  -6.362  1.00 40.78 ? 4  DG  A "C4'" 1 
ATOM   64  O  "O4'" . DG  A 1 4  ? -4.395  -9.619  -5.089  1.00 39.05 ? 4  DG  A "O4'" 1 
ATOM   65  C  "C3'" . DG  A 1 4  ? -5.499  -8.167  -6.600  1.00 42.46 ? 4  DG  A "C3'" 1 
ATOM   66  O  "O3'" . DG  A 1 4  ? -6.868  -7.968  -6.250  1.00 50.44 ? 4  DG  A "O3'" 1 
ATOM   67  C  "C2'" . DG  A 1 4  ? -4.562  -7.375  -5.721  1.00 37.95 ? 4  DG  A "C2'" 1 
ATOM   68  C  "C1'" . DG  A 1 4  ? -4.378  -8.307  -4.534  1.00 40.93 ? 4  DG  A "C1'" 1 
ATOM   69  N  N9    . DG  A 1 4  ? -3.117  -8.138  -3.799  1.00 38.66 ? 4  DG  A N9    1 
ATOM   70  C  C8    . DG  A 1 4  ? -1.854  -7.941  -4.323  1.00 34.77 ? 4  DG  A C8    1 
ATOM   71  N  N7    . DG  A 1 4  ? -0.930  -7.825  -3.412  1.00 30.29 ? 4  DG  A N7    1 
ATOM   72  C  C5    . DG  A 1 4  ? -1.614  -7.952  -2.210  1.00 29.37 ? 4  DG  A C5    1 
ATOM   73  C  C6    . DG  A 1 4  ? -1.140  -7.913  -0.873  1.00 35.40 ? 4  DG  A C6    1 
ATOM   74  O  O6    . DG  A 1 4  ? 0.017   -7.752  -0.470  1.00 40.69 ? 4  DG  A O6    1 
ATOM   75  N  N1    . DG  A 1 4  ? -2.166  -8.084  0.056   1.00 37.11 ? 4  DG  A N1    1 
ATOM   76  C  C2    . DG  A 1 4  ? -3.487  -8.270  -0.280  1.00 25.76 ? 4  DG  A C2    1 
ATOM   77  N  N2    . DG  A 1 4  ? -4.334  -8.418  0.747   1.00 31.36 ? 4  DG  A N2    1 
ATOM   78  N  N3    . DG  A 1 4  ? -3.939  -8.309  -1.518  1.00 24.21 ? 4  DG  A N3    1 
ATOM   79  C  C4    . DG  A 1 4  ? -2.964  -8.145  -2.435  1.00 29.14 ? 4  DG  A C4    1 
ATOM   80  P  P     . DA  A 1 5  ? -7.590  -6.563  -6.554  1.00 52.84 ? 5  DA  A P     1 
ATOM   81  O  OP1   . DA  A 1 5  ? -8.846  -6.840  -7.289  1.00 60.67 ? 5  DA  A OP1   1 
ATOM   82  O  OP2   . DA  A 1 5  ? -6.567  -5.642  -7.112  1.00 40.16 ? 5  DA  A OP2   1 
ATOM   83  O  "O5'" . DA  A 1 5  ? -7.990  -6.031  -5.104  1.00 51.91 ? 5  DA  A "O5'" 1 
ATOM   84  C  "C5'" . DA  A 1 5  ? -8.511  -6.957  -4.140  1.00 46.25 ? 5  DA  A "C5'" 1 
ATOM   85  C  "C4'" . DA  A 1 5  ? -8.442  -6.317  -2.772  1.00 48.72 ? 5  DA  A "C4'" 1 
ATOM   86  O  "O4'" . DA  A 1 5  ? -7.062  -6.310  -2.339  1.00 43.66 ? 5  DA  A "O4'" 1 
ATOM   87  C  "C3'" . DA  A 1 5  ? -8.934  -4.877  -2.711  1.00 40.44 ? 5  DA  A "C3'" 1 
ATOM   88  O  "O3'" . DA  A 1 5  ? -9.863  -4.728  -1.636  1.00 36.88 ? 5  DA  A "O3'" 1 
ATOM   89  C  "C2'" . DA  A 1 5  ? -7.685  -4.055  -2.526  1.00 37.34 ? 5  DA  A "C2'" 1 
ATOM   90  C  "C1'" . DA  A 1 5  ? -6.753  -5.017  -1.814  1.00 37.62 ? 5  DA  A "C1'" 1 
ATOM   91  N  N9    . DA  A 1 5  ? -5.316  -4.874  -2.050  1.00 28.82 ? 5  DA  A N9    1 
ATOM   92  C  C8    . DA  A 1 5  ? -4.669  -4.762  -3.252  1.00 33.21 ? 5  DA  A C8    1 
ATOM   93  N  N7    . DA  A 1 5  ? -3.364  -4.647  -3.142  1.00 29.14 ? 5  DA  A N7    1 
ATOM   94  C  C5    . DA  A 1 5  ? -3.149  -4.687  -1.772  1.00 29.44 ? 5  DA  A C5    1 
ATOM   95  C  C6    . DA  A 1 5  ? -1.973  -4.615  -1.005  1.00 27.81 ? 5  DA  A C6    1 
ATOM   96  N  N6    . DA  A 1 5  ? -0.764  -4.479  -1.547  1.00 26.81 ? 5  DA  A N6    1 
ATOM   97  N  N1    . DA  A 1 5  ? -2.102  -4.686  0.335   1.00 28.74 ? 5  DA  A N1    1 
ATOM   98  C  C2    . DA  A 1 5  ? -3.326  -4.822  0.865   1.00 32.98 ? 5  DA  A C2    1 
ATOM   99  N  N3    . DA  A 1 5  ? -4.509  -4.903  0.250   1.00 29.81 ? 5  DA  A N3    1 
ATOM   100 C  C4    . DA  A 1 5  ? -4.340  -4.828  -1.085  1.00 32.81 ? 5  DA  A C4    1 
ATOM   101 P  P     . DA  A 1 6  ? -10.532 -3.322  -1.279  1.00 42.54 ? 6  DA  A P     1 
ATOM   102 O  OP1   . DA  A 1 6  ? -11.852 -3.596  -0.643  1.00 46.73 ? 6  DA  A OP1   1 
ATOM   103 O  OP2   . DA  A 1 6  ? -10.429 -2.444  -2.471  1.00 37.00 ? 6  DA  A OP2   1 
ATOM   104 O  "O5'" . DA  A 1 6  ? -9.592  -2.707  -0.150  1.00 37.63 ? 6  DA  A "O5'" 1 
ATOM   105 C  "C5'" . DA  A 1 6  ? -9.406  -3.431  1.075   1.00 34.37 ? 6  DA  A "C5'" 1 
ATOM   106 C  "C4'" . DA  A 1 6  ? -8.466  -2.640  1.949   1.00 31.69 ? 6  DA  A "C4'" 1 
ATOM   107 O  "O4'" . DA  A 1 6  ? -7.134  -2.681  1.401   1.00 37.79 ? 6  DA  A "O4'" 1 
ATOM   108 C  "C3'" . DA  A 1 6  ? -8.846  -1.167  2.070   1.00 23.16 ? 6  DA  A "C3'" 1 
ATOM   109 O  "O3'" . DA  A 1 6  ? -8.919  -0.838  3.457   1.00 24.02 ? 6  DA  A "O3'" 1 
ATOM   110 C  "C2'" . DA  A 1 6  ? -7.769  -0.441  1.300   1.00 25.79 ? 6  DA  A "C2'" 1 
ATOM   111 C  "C1'" . DA  A 1 6  ? -6.573  -1.372  1.414   1.00 34.12 ? 6  DA  A "C1'" 1 
ATOM   112 N  N9    . DA  A 1 6  ? -5.598  -1.367  0.319   1.00 33.41 ? 6  DA  A N9    1 
ATOM   113 C  C8    . DA  A 1 6  ? -5.829  -1.379  -1.032  1.00 35.05 ? 6  DA  A C8    1 
ATOM   114 N  N7    . DA  A 1 6  ? -4.737  -1.369  -1.762  1.00 29.27 ? 6  DA  A N7    1 
ATOM   115 C  C5    . DA  A 1 6  ? -3.717  -1.350  -0.817  1.00 29.27 ? 6  DA  A C5    1 
ATOM   116 C  C6    . DA  A 1 6  ? -2.317  -1.334  -0.948  1.00 31.81 ? 6  DA  A C6    1 
ATOM   117 N  N6    . DA  A 1 6  ? -1.686  -1.332  -2.130  1.00 21.67 ? 6  DA  A N6    1 
ATOM   118 N  N1    . DA  A 1 6  ? -1.597  -1.318  0.192   1.00 28.45 ? 6  DA  A N1    1 
ATOM   119 C  C2    . DA  A 1 6  ? -2.230  -1.318  1.370   1.00 27.19 ? 6  DA  A C2    1 
ATOM   120 N  N3    . DA  A 1 6  ? -3.536  -1.332  1.622   1.00 29.42 ? 6  DA  A N3    1 
ATOM   121 C  C4    . DA  A 1 6  ? -4.227  -1.349  0.466   1.00 26.51 ? 6  DA  A C4    1 
ATOM   122 P  P     . DT  A 1 7  ? -9.202  0.631   3.986   1.00 31.72 ? 7  DT  A P     1 
ATOM   123 O  OP1   . DT  A 1 7  ? -9.920  0.546   5.284   1.00 29.15 ? 7  DT  A OP1   1 
ATOM   124 O  OP2   . DT  A 1 7  ? -9.783  1.430   2.873   1.00 33.91 ? 7  DT  A OP2   1 
ATOM   125 O  "O5'" . DT  A 1 7  ? -7.744  1.207   4.296   1.00 34.08 ? 7  DT  A "O5'" 1 
ATOM   126 C  "C5'" . DT  A 1 7  ? -6.823  0.416   5.059   1.00 34.69 ? 7  DT  A "C5'" 1 
ATOM   127 C  "C4'" . DT  A 1 7  ? -5.478  1.100   5.084   1.00 29.97 ? 7  DT  A "C4'" 1 
ATOM   128 O  "O4'" . DT  A 1 7  ? -4.816  0.922   3.815   1.00 29.85 ? 7  DT  A "O4'" 1 
ATOM   129 C  "C3'" . DT  A 1 7  ? -5.551  2.605   5.327   1.00 35.48 ? 7  DT  A "C3'" 1 
ATOM   130 O  "O3'" . DT  A 1 7  ? -4.946  2.911   6.582   1.00 36.90 ? 7  DT  A "O3'" 1 
ATOM   131 C  "C2'" . DT  A 1 7  ? -4.836  3.228   4.154   1.00 33.20 ? 7  DT  A "C2'" 1 
ATOM   132 C  "C1'" . DT  A 1 7  ? -4.024  2.095   3.573   1.00 28.57 ? 7  DT  A "C1'" 1 
ATOM   133 N  N1    . DT  A 1 7  ? -3.772  2.106   2.126   1.00 33.27 ? 7  DT  A N1    1 
ATOM   134 C  C2    . DT  A 1 7  ? -2.456  2.149   1.718   1.00 29.23 ? 7  DT  A C2    1 
ATOM   135 O  O2    . DT  A 1 7  ? -1.545  2.179   2.526   1.00 41.72 ? 7  DT  A O2    1 
ATOM   136 N  N3    . DT  A 1 7  ? -2.257  2.158   0.365   1.00 19.96 ? 7  DT  A N3    1 
ATOM   137 C  C4    . DT  A 1 7  ? -3.217  2.127   -0.619  1.00 20.67 ? 7  DT  A C4    1 
ATOM   138 O  O4    . DT  A 1 7  ? -2.909  2.139   -1.805  1.00 24.19 ? 7  DT  A O4    1 
ATOM   139 C  C5    . DT  A 1 7  ? -4.577  2.080   -0.130  1.00 23.11 ? 7  DT  A C5    1 
ATOM   140 C  C7    . DT  A 1 7  ? -5.666  2.046   -1.153  1.00 30.21 ? 7  DT  A C7    1 
ATOM   141 C  C6    . DT  A 1 7  ? -4.784  2.071   1.192   1.00 31.07 ? 7  DT  A C6    1 
ATOM   142 P  P     . DT  A 1 8  ? -4.940  4.359   7.242   1.00 40.11 ? 8  DT  A P     1 
ATOM   143 O  OP1   . DT  A 1 8  ? -4.962  4.201   8.723   1.00 39.29 ? 8  DT  A OP1   1 
ATOM   144 O  OP2   . DT  A 1 8  ? -5.990  5.191   6.607   1.00 37.82 ? 8  DT  A OP2   1 
ATOM   145 O  "O5'" . DT  A 1 8  ? -3.520  4.961   6.840   1.00 47.54 ? 8  DT  A "O5'" 1 
ATOM   146 C  "C5'" . DT  A 1 8  ? -2.289  4.396   7.297   1.00 41.81 ? 8  DT  A "C5'" 1 
ATOM   147 C  "C4'" . DT  A 1 8  ? -1.152  4.884   6.430   1.00 39.38 ? 8  DT  A "C4'" 1 
ATOM   148 O  "O4'" . DT  A 1 8  ? -1.463  4.669   5.033   1.00 37.26 ? 8  DT  A "O4'" 1 
ATOM   149 C  "C3'" . DT  A 1 8  ? -0.847  6.373   6.537   1.00 40.99 ? 8  DT  A "C3'" 1 
ATOM   150 O  "O3'" . DT  A 1 8  ? 0.352   6.565   7.289   1.00 44.98 ? 8  DT  A "O3'" 1 
ATOM   151 C  "C2'" . DT  A 1 8  ? -0.712  6.864   5.119   1.00 37.90 ? 8  DT  A "C2'" 1 
ATOM   152 C  "C1'" . DT  A 1 8  ? -0.649  5.596   4.296   1.00 38.48 ? 8  DT  A "C1'" 1 
ATOM   153 N  N1    . DT  A 1 8  ? -1.202  5.623   2.936   1.00 33.58 ? 8  DT  A N1    1 
ATOM   154 C  C2    . DT  A 1 8  ? -0.350  5.343   1.891   1.00 31.87 ? 8  DT  A C2    1 
ATOM   155 O  O2    . DT  A 1 8  ? 0.833   5.075   2.010   1.00 31.79 ? 8  DT  A O2    1 
ATOM   156 N  N3    . DT  A 1 8  ? -0.920  5.381   0.646   1.00 36.04 ? 8  DT  A N3    1 
ATOM   157 C  C4    . DT  A 1 8  ? -2.239  5.664   0.341   1.00 33.48 ? 8  DT  A C4    1 
ATOM   158 O  O4    . DT  A 1 8  ? -2.582  5.654   -0.837  1.00 29.66 ? 8  DT  A O4    1 
ATOM   159 C  C5    . DT  A 1 8  ? -3.080  5.947   1.482   1.00 30.31 ? 8  DT  A C5    1 
ATOM   160 C  C7    . DT  A 1 8  ? -4.520  6.263   1.246   1.00 32.65 ? 8  DT  A C7    1 
ATOM   161 C  C6    . DT  A 1 8  ? -2.531  5.913   2.707   1.00 34.63 ? 8  DT  A C6    1 
ATOM   162 P  P     . DC  A 1 9  ? 0.972   8.025   7.519   1.00 44.73 ? 9  DC  A P     1 
ATOM   163 O  OP1   . DC  A 1 9  ? 1.462   8.091   8.917   1.00 61.89 ? 9  DC  A OP1   1 
ATOM   164 O  OP2   . DC  A 1 9  ? 0.027   9.046   7.014   1.00 50.87 ? 9  DC  A OP2   1 
ATOM   165 O  "O5'" . DC  A 1 9  ? 2.242   8.003   6.544   1.00 38.42 ? 9  DC  A "O5'" 1 
ATOM   166 C  "C5'" . DC  A 1 9  ? 2.580   6.747   5.941   1.00 39.51 ? 9  DC  A "C5'" 1 
ATOM   167 C  "C4'" . DC  A 1 9  ? 3.735   6.903   4.992   1.00 38.90 ? 9  DC  A "C4'" 1 
ATOM   168 O  "O4'" . DC  A 1 9  ? 3.229   6.885   3.632   1.00 46.02 ? 9  DC  A "O4'" 1 
ATOM   169 C  "C3'" . DC  A 1 9  ? 4.525   8.201   5.091   1.00 42.77 ? 9  DC  A "C3'" 1 
ATOM   170 O  "O3'" . DC  A 1 9  ? 5.890   7.950   4.777   1.00 44.82 ? 9  DC  A "O3'" 1 
ATOM   171 C  "C2'" . DC  A 1 9  ? 3.849   9.117   4.105   1.00 42.56 ? 9  DC  A "C2'" 1 
ATOM   172 C  "C1'" . DC  A 1 9  ? 3.430   8.157   3.006   1.00 44.97 ? 9  DC  A "C1'" 1 
ATOM   173 N  N1    . DC  A 1 9  ? 2.162   8.444   2.317   1.00 34.39 ? 9  DC  A N1    1 
ATOM   174 C  C2    . DC  A 1 9  ? 2.152   8.425   0.921   1.00 28.91 ? 9  DC  A C2    1 
ATOM   175 O  O2    . DC  A 1 9  ? 3.196   8.175   0.297   1.00 38.83 ? 9  DC  A O2    1 
ATOM   176 N  N3    . DC  A 1 9  ? 0.999   8.684   0.264   1.00 30.56 ? 9  DC  A N3    1 
ATOM   177 C  C4    . DC  A 1 9  ? -0.113  8.953   0.949   1.00 29.80 ? 9  DC  A C4    1 
ATOM   178 N  N4    . DC  A 1 9  ? -1.217  9.198   0.244   1.00 26.37 ? 9  DC  A N4    1 
ATOM   179 C  C5    . DC  A 1 9  ? -0.130  8.975   2.372   1.00 38.99 ? 9  DC  A C5    1 
ATOM   180 C  C6    . DC  A 1 9  ? 1.020   8.716   3.012   1.00 31.85 ? 9  DC  A C6    1 
ATOM   181 P  P     . DG  A 1 10 ? 7.097   8.930   5.146   1.00 51.14 ? 10 DG  A P     1 
ATOM   182 O  OP1   . DG  A 1 10 ? 8.322   8.086   5.253   1.00 51.39 ? 10 DG  A OP1   1 
ATOM   183 O  OP2   . DG  A 1 10 ? 6.693   9.787   6.284   1.00 37.53 ? 10 DG  A OP2   1 
ATOM   184 O  "O5'" . DG  A 1 10 ? 7.250   9.865   3.858   1.00 53.59 ? 10 DG  A "O5'" 1 
ATOM   185 C  "C5'" . DG  A 1 10 ? 7.200   9.312   2.540   1.00 55.03 ? 10 DG  A "C5'" 1 
ATOM   186 C  "C4'" . DG  A 1 10 ? 7.193   10.399  1.493   1.00 53.51 ? 10 DG  A "C4'" 1 
ATOM   187 O  "O4'" . DG  A 1 10 ? 5.825   10.571  1.022   1.00 43.97 ? 10 DG  A "O4'" 1 
ATOM   188 C  "C3'" . DG  A 1 10 ? 7.622   11.785  1.932   1.00 54.27 ? 10 DG  A "C3'" 1 
ATOM   189 O  "O3'" . DG  A 1 10 ? 8.198   12.537  0.878   1.00 62.51 ? 10 DG  A "O3'" 1 
ATOM   190 C  "C2'" . DG  A 1 10 ? 6.311   12.394  2.389   1.00 46.50 ? 10 DG  A "C2'" 1 
ATOM   191 C  "C1'" . DG  A 1 10 ? 5.470   11.949  1.195   1.00 42.46 ? 10 DG  A "C1'" 1 
ATOM   192 N  N9    . DG  A 1 10 ? 4.014   12.029  1.349   1.00 44.94 ? 10 DG  A N9    1 
ATOM   193 C  C8    . DG  A 1 10 ? 3.235   12.197  2.465   1.00 44.46 ? 10 DG  A C8    1 
ATOM   194 N  N7    . DG  A 1 10 ? 1.949   12.222  2.216   1.00 34.44 ? 10 DG  A N7    1 
ATOM   195 C  C5    . DG  A 1 10 ? 1.875   12.059  0.837   1.00 33.98 ? 10 DG  A C5    1 
ATOM   196 C  C6    . DG  A 1 10 ? 0.756   12.002  -0.035  1.00 24.60 ? 10 DG  A C6    1 
ATOM   197 O  O6    . DG  A 1 10 ? -0.441  12.087  0.250   1.00 49.00 ? 10 DG  A O6    1 
ATOM   198 N  N1    . DG  A 1 10 ? 1.149   11.825  -1.355  1.00 27.53 ? 10 DG  A N1    1 
ATOM   199 C  C2    . DG  A 1 10 ? 2.443   11.717  -1.801  1.00 26.73 ? 10 DG  A C2    1 
ATOM   200 N  N2    . DG  A 1 10 ? 2.623   11.551  -3.115  1.00 28.38 ? 10 DG  A N2    1 
ATOM   201 N  N3    . DG  A 1 10 ? 3.496   11.768  -1.001  1.00 32.65 ? 10 DG  A N3    1 
ATOM   202 C  C4    . DG  A 1 10 ? 3.131   11.940  0.288   1.00 36.65 ? 10 DG  A C4    1 
ATOM   203 P  P     . DC  A 1 11 ? 9.745   12.906  0.688   1.00 63.97 ? 11 DC  A P     1 
ATOM   204 O  OP1   . DC  A 1 11 ? 10.565  11.814  1.271   1.00 63.19 ? 11 DC  A OP1   1 
ATOM   205 O  OP2   . DC  A 1 11 ? 9.948   14.310  1.122   1.00 53.18 ? 11 DC  A OP2   1 
ATOM   206 O  "O5'" . DC  A 1 11 ? 9.934   12.859  -0.902  1.00 59.66 ? 11 DC  A "O5'" 1 
ATOM   207 C  "C5'" . DC  A 1 11 ? 9.917   11.588  -1.566  1.00 61.10 ? 11 DC  A "C5'" 1 
ATOM   208 C  "C4'" . DC  A 1 11 ? 9.279   11.709  -2.924  1.00 61.11 ? 11 DC  A "C4'" 1 
ATOM   209 O  "O4'" . DC  A 1 11 ? 7.859   11.981  -2.803  1.00 60.95 ? 11 DC  A "O4'" 1 
ATOM   210 C  "C3'" . DC  A 1 11 ? 9.813   12.845  -3.787  1.00 52.71 ? 11 DC  A "C3'" 1 
ATOM   211 O  "O3'" . DC  A 1 11 ? 9.811   12.449  -5.151  1.00 48.96 ? 11 DC  A "O3'" 1 
ATOM   212 C  "C2'" . DC  A 1 11 ? 8.871   13.979  -3.505  1.00 57.96 ? 11 DC  A "C2'" 1 
ATOM   213 C  "C1'" . DC  A 1 11 ? 7.552   13.219  -3.441  1.00 55.70 ? 11 DC  A "C1'" 1 
ATOM   214 N  N1    . DC  A 1 11 ? 6.491   13.865  -2.664  1.00 41.90 ? 11 DC  A N1    1 
ATOM   215 C  C2    . DC  A 1 11 ? 5.227   13.963  -3.253  1.00 31.50 ? 11 DC  A C2    1 
ATOM   216 O  O2    . DC  A 1 11 ? 5.078   13.502  -4.392  1.00 36.35 ? 11 DC  A O2    1 
ATOM   217 N  N3    . DC  A 1 11 ? 4.223   14.550  -2.572  1.00 30.41 ? 11 DC  A N3    1 
ATOM   218 C  C4    . DC  A 1 11 ? 4.437   15.030  -1.346  1.00 36.34 ? 11 DC  A C4    1 
ATOM   219 N  N4    . DC  A 1 11 ? 3.398   15.600  -0.730  1.00 33.02 ? 11 DC  A N4    1 
ATOM   220 C  C5    . DC  A 1 11 ? 5.717   14.942  -0.724  1.00 37.54 ? 11 DC  A C5    1 
ATOM   221 C  C6    . DC  A 1 11 ? 6.708   14.357  -1.409  1.00 32.64 ? 11 DC  A C6    1 
ATOM   222 P  P     . DG  A 1 12 ? 10.523  13.269  -6.317  1.00 49.94 ? 12 DG  A P     1 
ATOM   223 O  OP1   . DG  A 1 12 ? 10.652  12.353  -7.487  1.00 39.86 ? 12 DG  A OP1   1 
ATOM   224 O  OP2   . DG  A 1 12 ? 11.710  13.970  -5.763  1.00 40.30 ? 12 DG  A OP2   1 
ATOM   225 O  "O5'" . DG  A 1 12 ? 9.445   14.382  -6.698  1.00 47.57 ? 12 DG  A "O5'" 1 
ATOM   226 C  "C5'" . DG  A 1 12 ? 8.811   14.353  -7.985  1.00 44.77 ? 12 DG  A "C5'" 1 
ATOM   227 C  "C4'" . DG  A 1 12 ? 7.848   15.510  -8.076  1.00 36.79 ? 12 DG  A "C4'" 1 
ATOM   228 O  "O4'" . DG  A 1 12 ? 7.092   15.611  -6.844  1.00 33.98 ? 12 DG  A "O4'" 1 
ATOM   229 C  "C3'" . DG  A 1 12 ? 8.494   16.872  -8.255  1.00 28.31 ? 12 DG  A "C3'" 1 
ATOM   230 O  "O3'" . DG  A 1 12 ? 8.471   17.257  -9.633  1.00 44.07 ? 12 DG  A "O3'" 1 
ATOM   231 C  "C2'" . DG  A 1 12 ? 7.684   17.812  -7.408  1.00 28.39 ? 12 DG  A "C2'" 1 
ATOM   232 C  "C1'" . DG  A 1 12 ? 6.586   16.945  -6.821  1.00 37.59 ? 12 DG  A "C1'" 1 
ATOM   233 N  N9    . DG  A 1 12 ? 6.227   17.258  -5.433  1.00 38.30 ? 12 DG  A N9    1 
ATOM   234 C  C8    . DG  A 1 12 ? 7.063   17.451  -4.362  1.00 31.75 ? 12 DG  A C8    1 
ATOM   235 N  N7    . DG  A 1 12 ? 6.425   17.717  -3.257  1.00 31.61 ? 12 DG  A N7    1 
ATOM   236 C  C5    . DG  A 1 12 ? 5.083   17.697  -3.623  1.00 40.03 ? 12 DG  A C5    1 
ATOM   237 C  C6    . DG  A 1 12 ? 3.918   17.915  -2.845  1.00 36.48 ? 12 DG  A C6    1 
ATOM   238 O  O6    . DG  A 1 12 ? 3.826   18.178  -1.640  1.00 46.66 ? 12 DG  A O6    1 
ATOM   239 N  N1    . DG  A 1 12 ? 2.770   17.799  -3.618  1.00 36.00 ? 12 DG  A N1    1 
ATOM   240 C  C2    . DG  A 1 12 ? 2.732   17.514  -4.958  1.00 27.82 ? 12 DG  A C2    1 
ATOM   241 N  N2    . DG  A 1 12 ? 1.507   17.451  -5.499  1.00 44.06 ? 12 DG  A N2    1 
ATOM   242 N  N3    . DG  A 1 12 ? 3.808   17.308  -5.697  1.00 37.55 ? 12 DG  A N3    1 
ATOM   243 C  C4    . DG  A 1 12 ? 4.941   17.415  -4.962  1.00 40.85 ? 12 DG  A C4    1 
ATOM   244 O  "O5'" . DC  B 1 1  ? -6.486  21.827  -2.497  1.00 50.69 ? 13 DC  B "O5'" 1 
ATOM   245 C  "C5'" . DC  B 1 1  ? -5.473  21.174  -1.732  1.00 48.88 ? 13 DC  B "C5'" 1 
ATOM   246 C  "C4'" . DC  B 1 1  ? -4.886  20.026  -2.514  1.00 48.79 ? 13 DC  B "C4'" 1 
ATOM   247 O  "O4'" . DC  B 1 1  ? -3.455  20.209  -2.671  1.00 48.48 ? 13 DC  B "O4'" 1 
ATOM   248 C  "C3'" . DC  B 1 1  ? -5.030  18.663  -1.862  1.00 46.90 ? 13 DC  B "C3'" 1 
ATOM   249 O  "O3'" . DC  B 1 1  ? -5.181  17.639  -2.842  1.00 53.64 ? 13 DC  B "O3'" 1 
ATOM   250 C  "C2'" . DC  B 1 1  ? -3.749  18.524  -1.080  1.00 46.91 ? 13 DC  B "C2'" 1 
ATOM   251 C  "C1'" . DC  B 1 1  ? -2.778  19.075  -2.123  1.00 46.27 ? 13 DC  B "C1'" 1 
ATOM   252 N  N1    . DC  B 1 1  ? -1.477  19.505  -1.608  1.00 43.59 ? 13 DC  B N1    1 
ATOM   253 C  C2    . DC  B 1 1  ? -0.339  19.157  -2.349  1.00 40.12 ? 13 DC  B C2    1 
ATOM   254 O  O2    . DC  B 1 1  ? -0.477  18.508  -3.398  1.00 27.39 ? 13 DC  B O2    1 
ATOM   255 N  N3    . DC  B 1 1  ? 0.875   19.539  -1.902  1.00 43.41 ? 13 DC  B N3    1 
ATOM   256 C  C4    . DC  B 1 1  ? 0.991   20.238  -0.770  1.00 40.66 ? 13 DC  B C4    1 
ATOM   257 N  N4    . DC  B 1 1  ? 2.226   20.579  -0.393  1.00 39.90 ? 13 DC  B N4    1 
ATOM   258 C  C5    . DC  B 1 1  ? -0.147  20.604  0.002   1.00 35.49 ? 13 DC  B C5    1 
ATOM   259 C  C6    . DC  B 1 1  ? -1.348  20.221  -0.449  1.00 37.30 ? 13 DC  B C6    1 
ATOM   260 P  P     . DG  B 1 2  ? -6.581  17.526  -3.632  1.00 58.68 ? 14 DG  B P     1 
ATOM   261 O  OP1   . DG  B 1 2  ? -6.951  18.892  -4.084  1.00 64.01 ? 14 DG  B OP1   1 
ATOM   262 O  OP2   . DG  B 1 2  ? -7.512  16.756  -2.775  1.00 51.97 ? 14 DG  B OP2   1 
ATOM   263 O  "O5'" . DG  B 1 2  ? -6.232  16.657  -4.916  1.00 61.36 ? 14 DG  B "O5'" 1 
ATOM   264 C  "C5'" . DG  B 1 2  ? -5.852  17.258  -6.160  1.00 56.21 ? 14 DG  B "C5'" 1 
ATOM   265 C  "C4'" . DG  B 1 2  ? -4.803  16.395  -6.829  1.00 49.07 ? 14 DG  B "C4'" 1 
ATOM   266 O  "O4'" . DG  B 1 2  ? -3.558  16.517  -6.119  1.00 43.74 ? 14 DG  B "O4'" 1 
ATOM   267 C  "C3'" . DG  B 1 2  ? -5.161  14.914  -6.858  1.00 47.76 ? 14 DG  B "C3'" 1 
ATOM   268 O  "O3'" . DG  B 1 2  ? -5.228  14.453  -8.207  1.00 42.86 ? 14 DG  B "O3'" 1 
ATOM   269 C  "C2'" . DG  B 1 2  ? -4.076  14.221  -6.086  1.00 47.19 ? 14 DG  B "C2'" 1 
ATOM   270 C  "C1'" . DG  B 1 2  ? -2.974  15.240  -5.919  1.00 39.03 ? 14 DG  B "C1'" 1 
ATOM   271 N  N9    . DG  B 1 2  ? -2.373  15.253  -4.576  1.00 34.69 ? 14 DG  B N9    1 
ATOM   272 C  C8    . DG  B 1 2  ? -3.000  15.477  -3.377  1.00 29.63 ? 14 DG  B C8    1 
ATOM   273 N  N7    . DG  B 1 2  ? -2.185  15.423  -2.363  1.00 34.40 ? 14 DG  B N7    1 
ATOM   274 C  C5    . DG  B 1 2  ? -0.941  15.147  -2.915  1.00 35.07 ? 14 DG  B C5    1 
ATOM   275 C  C6    . DG  B 1 2  ? 0.329   14.971  -2.307  1.00 33.27 ? 14 DG  B C6    1 
ATOM   276 O  O6    . DG  B 1 2  ? 0.623   15.028  -1.107  1.00 38.41 ? 14 DG  B O6    1 
ATOM   277 N  N1    . DG  B 1 2  ? 1.331   14.704  -3.240  1.00 28.54 ? 14 DG  B N1    1 
ATOM   278 C  C2    . DG  B 1 2  ? 1.112   14.620  -4.591  1.00 27.72 ? 14 DG  B C2    1 
ATOM   279 N  N2    . DG  B 1 2  ? 2.176   14.356  -5.360  1.00 28.40 ? 14 DG  B N2    1 
ATOM   280 N  N3    . DG  B 1 2  ? -0.065  14.780  -5.168  1.00 32.68 ? 14 DG  B N3    1 
ATOM   281 C  C4    . DG  B 1 2  ? -1.044  15.039  -4.283  1.00 34.53 ? 14 DG  B C4    1 
ATOM   282 P  P     . DC  B 1 3  ? -5.531  12.931  -8.602  1.00 41.59 ? 15 DC  B P     1 
ATOM   283 O  OP1   . DC  B 1 3  ? -6.056  12.911  -9.994  1.00 50.84 ? 15 DC  B OP1   1 
ATOM   284 O  OP2   . DC  B 1 3  ? -6.307  12.304  -7.505  1.00 36.71 ? 15 DC  B OP2   1 
ATOM   285 O  "O5'" . DC  B 1 3  ? -4.081  12.280  -8.621  1.00 32.86 ? 15 DC  B "O5'" 1 
ATOM   286 C  "C5'" . DC  B 1 3  ? -3.028  12.779  -9.458  1.00 32.61 ? 15 DC  B "C5'" 1 
ATOM   287 C  "C4'" . DC  B 1 3  ? -1.780  11.996  -9.111  1.00 37.91 ? 15 DC  B "C4'" 1 
ATOM   288 O  "O4'" . DC  B 1 3  ? -1.309  12.376  -7.807  1.00 40.02 ? 15 DC  B "O4'" 1 
ATOM   289 C  "C3'" . DC  B 1 3  ? -2.029  10.498  -9.088  1.00 36.78 ? 15 DC  B "C3'" 1 
ATOM   290 O  "O3'" . DC  B 1 3  ? -1.348  9.858   -10.166 1.00 38.45 ? 15 DC  B "O3'" 1 
ATOM   291 C  "C2'" . DC  B 1 3  ? -1.501  10.043  -7.764  1.00 39.63 ? 15 DC  B "C2'" 1 
ATOM   292 C  "C1'" . DC  B 1 3  ? -0.868  11.240  -7.093  1.00 35.41 ? 15 DC  B "C1'" 1 
ATOM   293 N  N1    . DC  B 1 3  ? -1.278  11.369  -5.685  1.00 33.17 ? 15 DC  B N1    1 
ATOM   294 C  C2    . DC  B 1 3  ? -0.283  11.482  -4.707  1.00 28.13 ? 15 DC  B C2    1 
ATOM   295 O  O2    . DC  B 1 3  ? 0.906   11.473  -5.046  1.00 31.34 ? 15 DC  B O2    1 
ATOM   296 N  N3    . DC  B 1 3  ? -0.637  11.600  -3.407  1.00 29.82 ? 15 DC  B N3    1 
ATOM   297 C  C4    . DC  B 1 3  ? -1.927  11.609  -3.062  1.00 30.63 ? 15 DC  B C4    1 
ATOM   298 N  N4    . DC  B 1 3  ? -2.222  11.729  -1.763  1.00 27.24 ? 15 DC  B N4    1 
ATOM   299 C  C5    . DC  B 1 3  ? -2.958  11.493  -4.041  1.00 28.08 ? 15 DC  B C5    1 
ATOM   300 C  C6    . DC  B 1 3  ? -2.595  11.376  -5.326  1.00 24.26 ? 15 DC  B C6    1 
ATOM   301 P  P     . DG  B 1 4  ? -1.556  8.299   -10.489 1.00 40.04 ? 16 DG  B P     1 
ATOM   302 O  OP1   . DG  B 1 4  ? -1.704  8.156   -11.959 1.00 58.62 ? 16 DG  B OP1   1 
ATOM   303 O  OP2   . DG  B 1 4  ? -2.574  7.758   -9.564  1.00 39.19 ? 16 DG  B OP2   1 
ATOM   304 O  "O5'" . DG  B 1 4  ? -0.129  7.699   -10.086 1.00 40.63 ? 16 DG  B "O5'" 1 
ATOM   305 C  "C5'" . DG  B 1 4  ? 1.042   8.358   -10.595 1.00 42.88 ? 16 DG  B "C5'" 1 
ATOM   306 C  "C4'" . DG  B 1 4  ? 2.248   7.867   -9.832  1.00 41.25 ? 16 DG  B "C4'" 1 
ATOM   307 O  "O4'" . DG  B 1 4  ? 2.123   8.264   -8.450  1.00 35.45 ? 16 DG  B "O4'" 1 
ATOM   308 C  "C3'" . DG  B 1 4  ? 2.413   6.354   -9.859  1.00 39.51 ? 16 DG  B "C3'" 1 
ATOM   309 O  "O3'" . DG  B 1 4  ? 3.769   6.009   -10.132 1.00 46.40 ? 16 DG  B "O3'" 1 
ATOM   310 C  "C2'" . DG  B 1 4  ? 1.967   5.908   -8.493  1.00 42.51 ? 16 DG  B "C2'" 1 
ATOM   311 C  "C1'" . DG  B 1 4  ? 2.160   7.126   -7.610  1.00 36.95 ? 16 DG  B "C1'" 1 
ATOM   312 N  N9    . DG  B 1 4  ? 1.098   7.297   -6.607  1.00 36.41 ? 16 DG  B N9    1 
ATOM   313 C  C8    . DG  B 1 4  ? -0.254  7.151   -6.830  1.00 25.39 ? 16 DG  B C8    1 
ATOM   314 N  N7    . DG  B 1 4  ? -0.962  7.361   -5.766  1.00 27.56 ? 16 DG  B N7    1 
ATOM   315 C  C5    . DG  B 1 4  ? -0.032  7.664   -4.781  1.00 30.49 ? 16 DG  B C5    1 
ATOM   316 C  C6    . DG  B 1 4  ? -0.220  7.983   -3.413  1.00 30.72 ? 16 DG  B C6    1 
ATOM   317 O  O6    . DG  B 1 4  ? -1.276  8.066   -2.778  1.00 42.35 ? 16 DG  B O6    1 
ATOM   318 N  N1    . DG  B 1 4  ? 0.990   8.221   -2.770  1.00 25.38 ? 16 DG  B N1    1 
ATOM   319 C  C2    . DG  B 1 4  ? 2.221   8.159   -3.372  1.00 24.34 ? 16 DG  B C2    1 
ATOM   320 N  N2    . DG  B 1 4  ? 3.265   8.423   -2.577  1.00 34.14 ? 16 DG  B N2    1 
ATOM   321 N  N3    . DG  B 1 4  ? 2.417   7.864   -4.643  1.00 27.78 ? 16 DG  B N3    1 
ATOM   322 C  C4    . DG  B 1 4  ? 1.252   7.629   -5.287  1.00 31.60 ? 16 DG  B C4    1 
ATOM   323 P  P     . DA  B 1 5  ? 4.531   4.728   -9.558  1.00 41.62 ? 17 DA  B P     1 
ATOM   324 O  OP1   . DA  B 1 5  ? 5.844   4.637   -10.253 1.00 61.79 ? 17 DA  B OP1   1 
ATOM   325 O  OP2   . DA  B 1 5  ? 3.616   3.563   -9.596  1.00 49.92 ? 17 DA  B OP2   1 
ATOM   326 O  "O5'" . DA  B 1 5  ? 4.806   5.086   -8.024  1.00 40.17 ? 17 DA  B "O5'" 1 
ATOM   327 C  "C5'" . DA  B 1 5  ? 5.933   5.892   -7.670  1.00 38.31 ? 17 DA  B "C5'" 1 
ATOM   328 C  "C4'" . DA  B 1 5  ? 6.376   5.636   -6.248  1.00 37.91 ? 17 DA  B "C4'" 1 
ATOM   329 O  "O4'" . DA  B 1 5  ? 5.242   5.832   -5.374  1.00 36.90 ? 17 DA  B "O4'" 1 
ATOM   330 C  "C3'" . DA  B 1 5  ? 6.891   4.233   -5.923  1.00 35.41 ? 17 DA  B "C3'" 1 
ATOM   331 O  "O3'" . DA  B 1 5  ? 8.077   4.334   -5.142  1.00 45.10 ? 17 DA  B "O3'" 1 
ATOM   332 C  "C2'" . DA  B 1 5  ? 5.771   3.562   -5.180  1.00 34.19 ? 17 DA  B "C2'" 1 
ATOM   333 C  "C1'" . DA  B 1 5  ? 5.054   4.712   -4.512  1.00 35.04 ? 17 DA  B "C1'" 1 
ATOM   334 N  N9    . DA  B 1 5  ? 3.598   4.607   -4.375  1.00 34.12 ? 17 DA  B N9    1 
ATOM   335 C  C8    . DA  B 1 5  ? 2.722   4.233   -5.370  1.00 36.79 ? 17 DA  B C8    1 
ATOM   336 N  N7    . DA  B 1 5  ? 1.470   4.221   -4.983  1.00 32.46 ? 17 DA  B N7    1 
ATOM   337 C  C5    . DA  B 1 5  ? 1.527   4.613   -3.653  1.00 25.42 ? 17 DA  B C5    1 
ATOM   338 C  C6    . DA  B 1 5  ? 0.525   4.796   -2.684  1.00 28.20 ? 17 DA  B C6    1 
ATOM   339 N  N6    . DA  B 1 5  ? -0.774  4.595   -2.928  1.00 45.65 ? 17 DA  B N6    1 
ATOM   340 N  N1    . DA  B 1 5  ? 0.899   5.189   -1.450  1.00 30.52 ? 17 DA  B N1    1 
ATOM   341 C  C2    . DA  B 1 5  ? 2.206   5.387   -1.215  1.00 28.22 ? 17 DA  B C2    1 
ATOM   342 N  N3    . DA  B 1 5  ? 3.231   5.246   -2.049  1.00 27.59 ? 17 DA  B N3    1 
ATOM   343 C  C4    . DA  B 1 5  ? 2.834   4.854   -3.267  1.00 25.25 ? 17 DA  B C4    1 
ATOM   344 P  P     . DA  B 1 6  ? 8.881   3.155   -4.428  1.00 43.92 ? 18 DA  B P     1 
ATOM   345 O  OP1   . DA  B 1 6  ? 10.299  3.613   -4.301  1.00 55.75 ? 18 DA  B OP1   1 
ATOM   346 O  OP2   . DA  B 1 6  ? 8.613   1.875   -5.137  1.00 40.21 ? 18 DA  B OP2   1 
ATOM   347 O  "O5'" . DA  B 1 6  ? 8.268   3.034   -2.976  1.00 27.61 ? 18 DA  B "O5'" 1 
ATOM   348 C  "C5'" . DA  B 1 6  ? 8.221   4.103   -2.026  1.00 24.83 ? 18 DA  B "C5'" 1 
ATOM   349 C  "C4'" . DA  B 1 6  ? 7.479   3.626   -0.793  1.00 35.56 ? 18 DA  B "C4'" 1 
ATOM   350 O  "O4'" . DA  B 1 6  ? 6.071   3.536   -1.098  1.00 39.26 ? 18 DA  B "O4'" 1 
ATOM   351 C  "C3'" . DA  B 1 6  ? 7.888   2.250   -0.277  1.00 36.87 ? 18 DA  B "C3'" 1 
ATOM   352 O  "O3'" . DA  B 1 6  ? 8.205   2.338   1.112   1.00 45.73 ? 18 DA  B "O3'" 1 
ATOM   353 C  "C2'" . DA  B 1 6  ? 6.706   1.355   -0.554  1.00 40.24 ? 18 DA  B "C2'" 1 
ATOM   354 C  "C1'" . DA  B 1 6  ? 5.536   2.323   -0.575  1.00 38.31 ? 18 DA  B "C1'" 1 
ATOM   355 N  N9    . DA  B 1 6  ? 4.394   1.981   -1.440  1.00 29.14 ? 18 DA  B N9    1 
ATOM   356 C  C8    . DA  B 1 6  ? 4.376   1.564   -2.743  1.00 23.66 ? 18 DA  B C8    1 
ATOM   357 N  N7    . DA  B 1 6  ? 3.169   1.345   -3.211  1.00 31.92 ? 18 DA  B N7    1 
ATOM   358 C  C5    . DA  B 1 6  ? 2.331   1.640   -2.145  1.00 28.65 ? 18 DA  B C5    1 
ATOM   359 C  C6    . DA  B 1 6  ? 0.934   1.609   -1.986  1.00 25.63 ? 18 DA  B C6    1 
ATOM   360 N  N6    . DA  B 1 6  ? 0.055   1.258   -2.930  1.00 28.87 ? 18 DA  B N6    1 
ATOM   361 N  N1    . DA  B 1 6  ? 0.436   1.965   -0.788  1.00 22.72 ? 18 DA  B N1    1 
ATOM   362 C  C2    . DA  B 1 6  ? 1.273   2.326   0.190   1.00 26.58 ? 18 DA  B C2    1 
ATOM   363 N  N3    . DA  B 1 6  ? 2.607   2.393   0.164   1.00 32.53 ? 18 DA  B N3    1 
ATOM   364 C  C4    . DA  B 1 6  ? 3.072   2.033   -1.047  1.00 29.02 ? 18 DA  B C4    1 
ATOM   365 P  P     . DT  B 1 7  ? 8.899   1.136   1.928   1.00 49.70 ? 19 DT  B P     1 
ATOM   366 O  OP1   . DT  B 1 7  ? 9.761   1.744   2.973   1.00 49.78 ? 19 DT  B OP1   1 
ATOM   367 O  OP2   . DT  B 1 7  ? 9.450   0.178   0.951   1.00 36.58 ? 19 DT  B OP2   1 
ATOM   368 O  "O5'" . DT  B 1 7  ? 7.645   0.463   2.667   1.00 48.39 ? 19 DT  B "O5'" 1 
ATOM   369 C  "C5'" . DT  B 1 7  ? 6.979   1.251   3.664   1.00 46.20 ? 19 DT  B "C5'" 1 
ATOM   370 C  "C4'" . DT  B 1 7  ? 5.566   0.794   3.878   1.00 46.41 ? 19 DT  B "C4'" 1 
ATOM   371 O  "O4'" . DT  B 1 7  ? 4.884   0.616   2.602   1.00 44.18 ? 19 DT  B "O4'" 1 
ATOM   372 C  "C3'" . DT  B 1 7  ? 5.405   -0.554  4.570   1.00 44.11 ? 19 DT  B "C3'" 1 
ATOM   373 O  "O3'" . DT  B 1 7  ? 5.102   -0.371  5.953   1.00 51.11 ? 19 DT  B "O3'" 1 
ATOM   374 C  "C2'" . DT  B 1 7  ? 4.280   -1.240  3.851   1.00 40.04 ? 19 DT  B "C2'" 1 
ATOM   375 C  "C1'" . DT  B 1 7  ? 3.729   -0.177  2.929   1.00 38.44 ? 19 DT  B "C1'" 1 
ATOM   376 N  N1    . DT  B 1 7  ? 3.158   -0.606  1.653   1.00 33.93 ? 19 DT  B N1    1 
ATOM   377 C  C2    . DT  B 1 7  ? 1.787   -0.641  1.521   1.00 31.73 ? 19 DT  B C2    1 
ATOM   378 O  O2    . DT  B 1 7  ? 1.009   -0.334  2.411   1.00 31.62 ? 19 DT  B O2    1 
ATOM   379 N  N3    . DT  B 1 7  ? 1.346   -1.056  0.286   1.00 25.29 ? 19 DT  B N3    1 
ATOM   380 C  C4    . DT  B 1 7  ? 2.123   -1.425  -0.792  1.00 28.32 ? 19 DT  B C4    1 
ATOM   381 O  O4    . DT  B 1 7  ? 1.622   -1.781  -1.852  1.00 30.15 ? 19 DT  B O4    1 
ATOM   382 C  C5    . DT  B 1 7  ? 3.553   -1.364  -0.583  1.00 28.30 ? 19 DT  B C5    1 
ATOM   383 C  C7    . DT  B 1 7  ? 4.441   -1.755  -1.719  1.00 31.87 ? 19 DT  B C7    1 
ATOM   384 C  C6    . DT  B 1 7  ? 3.986   -0.962  0.613   1.00 28.86 ? 19 DT  B C6    1 
ATOM   385 P  P     . DT  B 1 8  ? 5.129   -1.616  6.965   1.00 51.79 ? 20 DT  B P     1 
ATOM   386 O  OP1   . DT  B 1 8  ? 5.861   -1.196  8.187   1.00 68.34 ? 20 DT  B OP1   1 
ATOM   387 O  OP2   . DT  B 1 8  ? 5.551   -2.815  6.199   1.00 40.78 ? 20 DT  B OP2   1 
ATOM   388 O  "O5'" . DT  B 1 8  ? 3.598   -1.816  7.365   1.00 54.97 ? 20 DT  B "O5'" 1 
ATOM   389 C  "C5'" . DT  B 1 8  ? 2.608   -0.796  7.194   1.00 46.73 ? 20 DT  B "C5'" 1 
ATOM   390 C  "C4'" . DT  B 1 8  ? 1.269   -1.455  6.958   1.00 40.12 ? 20 DT  B "C4'" 1 
ATOM   391 O  "O4'" . DT  B 1 8  ? 1.132   -1.739  5.548   1.00 35.91 ? 20 DT  B "O4'" 1 
ATOM   392 C  "C3'" . DT  B 1 8  ? 1.071   -2.775  7.686   1.00 43.98 ? 20 DT  B "C3'" 1 
ATOM   393 O  "O3'" . DT  B 1 8  ? -0.080  -2.719  8.527   1.00 46.47 ? 20 DT  B "O3'" 1 
ATOM   394 C  "C2'" . DT  B 1 8  ? 0.919   -3.804  6.592   1.00 45.39 ? 20 DT  B "C2'" 1 
ATOM   395 C  "C1'" . DT  B 1 8  ? 0.418   -2.972  5.426   1.00 35.87 ? 20 DT  B "C1'" 1 
ATOM   396 N  N1    . DT  B 1 8  ? 0.696   -3.465  4.077   1.00 38.33 ? 20 DT  B N1    1 
ATOM   397 C  C2    . DT  B 1 8  ? -0.369  -3.796  3.268   1.00 39.76 ? 20 DT  B C2    1 
ATOM   398 O  O2    . DT  B 1 8  ? -1.535  -3.702  3.619   1.00 42.37 ? 20 DT  B O2    1 
ATOM   399 N  N3    . DT  B 1 8  ? -0.012  -4.248  2.022   1.00 31.83 ? 20 DT  B N3    1 
ATOM   400 C  C4    . DT  B 1 8  ? 1.254   -4.402  1.502   1.00 27.54 ? 20 DT  B C4    1 
ATOM   401 O  O4    . DT  B 1 8  ? 1.395   -4.823  0.359   1.00 44.55 ? 20 DT  B O4    1 
ATOM   402 C  C5    . DT  B 1 8  ? 2.322   -4.035  2.403   1.00 30.12 ? 20 DT  B C5    1 
ATOM   403 C  C7    . DT  B 1 8  ? 3.735   -4.166  1.935   1.00 39.47 ? 20 DT  B C7    1 
ATOM   404 C  C6    . DT  B 1 8  ? 1.990   -3.595  3.622   1.00 35.32 ? 20 DT  B C6    1 
ATOM   405 P  P     . DC  B 1 9  ? -0.411  -3.914  9.551   1.00 48.10 ? 21 DC  B P     1 
ATOM   406 O  OP1   . DC  B 1 9  ? -1.245  -3.354  10.644  1.00 50.07 ? 21 DC  B OP1   1 
ATOM   407 O  OP2   . DC  B 1 9  ? 0.845   -4.647  9.831   1.00 57.23 ? 21 DC  B OP2   1 
ATOM   408 O  "O5'" . DC  B 1 9  ? -1.351  -4.875  8.682   1.00 34.62 ? 21 DC  B "O5'" 1 
ATOM   409 C  "C5'" . DC  B 1 9  ? -2.694  -4.437  8.413   1.00 33.54 ? 21 DC  B "C5'" 1 
ATOM   410 C  "C4'" . DC  B 1 9  ? -3.313  -5.403  7.435   1.00 32.13 ? 21 DC  B "C4'" 1 
ATOM   411 O  "O4'" . DC  B 1 9  ? -2.490  -5.489  6.258   1.00 31.04 ? 21 DC  B "O4'" 1 
ATOM   412 C  "C3'" . DC  B 1 9  ? -3.442  -6.823  7.969   1.00 34.01 ? 21 DC  B "C3'" 1 
ATOM   413 O  "O3'" . DC  B 1 9  ? -4.820  -7.099  8.254   1.00 41.27 ? 21 DC  B "O3'" 1 
ATOM   414 C  "C2'" . DC  B 1 9  ? -2.853  -7.701  6.887   1.00 27.96 ? 21 DC  B "C2'" 1 
ATOM   415 C  "C1'" . DC  B 1 9  ? -2.727  -6.788  5.691   1.00 26.99 ? 21 DC  B "C1'" 1 
ATOM   416 N  N1    . DC  B 1 9  ? -1.607  -6.967  4.762   1.00 33.50 ? 21 DC  B N1    1 
ATOM   417 C  C2    . DC  B 1 9  ? -1.913  -7.355  3.453   1.00 33.59 ? 21 DC  B C2    1 
ATOM   418 O  O2    . DC  B 1 9  ? -3.103  -7.526  3.166   1.00 28.63 ? 21 DC  B O2    1 
ATOM   419 N  N3    . DC  B 1 9  ? -0.918  -7.531  2.557   1.00 41.50 ? 21 DC  B N3    1 
ATOM   420 C  C4    . DC  B 1 9  ? 0.350   -7.332  2.929   1.00 38.69 ? 21 DC  B C4    1 
ATOM   421 N  N4    . DC  B 1 9  ? 1.294   -7.522  2.003   1.00 34.61 ? 21 DC  B N4    1 
ATOM   422 C  C5    . DC  B 1 9  ? 0.692   -6.935  4.254   1.00 35.04 ? 21 DC  B C5    1 
ATOM   423 C  C6    . DC  B 1 9  ? -0.306  -6.764  5.130   1.00 36.62 ? 21 DC  B C6    1 
ATOM   424 P  P     . DG  B 1 10 ? -5.175  -8.148  9.422   1.00 39.86 ? 22 DG  B P     1 
ATOM   425 O  OP1   . DG  B 1 10 ? -6.241  -7.573  10.268  1.00 37.52 ? 22 DG  B OP1   1 
ATOM   426 O  OP2   . DG  B 1 10 ? -3.893  -8.597  10.030  1.00 64.76 ? 22 DG  B OP2   1 
ATOM   427 O  "O5'" . DG  B 1 10 ? -5.783  -9.378  8.606   1.00 39.95 ? 22 DG  B "O5'" 1 
ATOM   428 C  "C5'" . DG  B 1 10 ? -6.563  -9.180  7.423   1.00 39.69 ? 22 DG  B "C5'" 1 
ATOM   429 C  "C4'" . DG  B 1 10 ? -6.442  -10.369 6.501   1.00 39.66 ? 22 DG  B "C4'" 1 
ATOM   430 O  "O4'" . DG  B 1 10 ? -5.261  -10.192 5.663   1.00 42.66 ? 22 DG  B "O4'" 1 
ATOM   431 C  "C3'" . DG  B 1 10 ? -6.267  -11.719 7.173   1.00 36.53 ? 22 DG  B "C3'" 1 
ATOM   432 O  "O3'" . DG  B 1 10 ? -6.967  -12.745 6.492   1.00 39.73 ? 22 DG  B "O3'" 1 
ATOM   433 C  "C2'" . DG  B 1 10 ? -4.769  -11.936 7.114   1.00 37.67 ? 22 DG  B "C2'" 1 
ATOM   434 C  "C1'" . DG  B 1 10 ? -4.516  -11.406 5.703   1.00 39.40 ? 22 DG  B "C1'" 1 
ATOM   435 N  N9    . DG  B 1 10 ? -3.106  -11.151 5.390   1.00 36.71 ? 22 DG  B N9    1 
ATOM   436 C  C8    . DG  B 1 10 ? -2.044  -10.892 6.221   1.00 30.09 ? 22 DG  B C8    1 
ATOM   437 N  N7    . DG  B 1 10 ? -0.919  -10.714 5.586   1.00 19.58 ? 22 DG  B N7    1 
ATOM   438 C  C5    . DG  B 1 10 ? -1.253  -10.865 4.247   1.00 22.69 ? 22 DG  B C5    1 
ATOM   439 C  C6    . DG  B 1 10 ? -0.464  -10.786 3.075   1.00 27.95 ? 22 DG  B C6    1 
ATOM   440 O  O6    . DG  B 1 10 ? 0.751   -10.556 2.988   1.00 40.38 ? 22 DG  B O6    1 
ATOM   441 N  N1    . DG  B 1 10 ? -1.219  -11.008 1.927   1.00 26.02 ? 22 DG  B N1    1 
ATOM   442 C  C2    . DG  B 1 10 ? -2.564  -11.271 1.905   1.00 29.91 ? 22 DG  B C2    1 
ATOM   443 N  N2    . DG  B 1 10 ? -3.136  -11.459 0.707   1.00 40.83 ? 22 DG  B N2    1 
ATOM   444 N  N3    . DG  B 1 10 ? -3.312  -11.346 2.992   1.00 35.22 ? 22 DG  B N3    1 
ATOM   445 C  C4    . DG  B 1 10 ? -2.592  -11.134 4.109   1.00 32.35 ? 22 DG  B C4    1 
ATOM   446 P  P     . DC  B 1 11 ? -8.013  -13.765 7.128   1.00 46.90 ? 23 DC  B P     1 
ATOM   447 O  OP1   . DC  B 1 11 ? -8.972  -13.003 7.965   1.00 55.28 ? 23 DC  B OP1   1 
ATOM   448 O  OP2   . DC  B 1 11 ? -7.298  -14.911 7.737   1.00 38.28 ? 23 DC  B OP2   1 
ATOM   449 O  "O5'" . DC  B 1 11 ? -8.791  -14.301 5.839   1.00 49.47 ? 23 DC  B "O5'" 1 
ATOM   450 C  "C5'" . DC  B 1 11 ? -8.803  -13.537 4.626   1.00 43.95 ? 23 DC  B "C5'" 1 
ATOM   451 C  "C4'" . DC  B 1 11 ? -8.486  -14.432 3.447   1.00 36.41 ? 23 DC  B "C4'" 1 
ATOM   452 O  "O4'" . DC  B 1 11 ? -7.159  -14.095 2.975   1.00 34.45 ? 23 DC  B "O4'" 1 
ATOM   453 C  "C3'" . DC  B 1 11 ? -8.486  -15.912 3.754   1.00 41.01 ? 23 DC  B "C3'" 1 
ATOM   454 O  "O3'" . DC  B 1 11 ? -9.110  -16.694 2.732   1.00 40.70 ? 23 DC  B "O3'" 1 
ATOM   455 C  "C2'" . DC  B 1 11 ? -7.030  -16.283 3.836   1.00 44.79 ? 23 DC  B "C2'" 1 
ATOM   456 C  "C1'" . DC  B 1 11 ? -6.360  -15.257 2.926   1.00 36.14 ? 23 DC  B "C1'" 1 
ATOM   457 N  N1    . DC  B 1 11 ? -4.993  -14.991 3.390   1.00 33.44 ? 23 DC  B N1    1 
ATOM   458 C  C2    . DC  B 1 11 ? -3.982  -14.807 2.447   1.00 29.23 ? 23 DC  B C2    1 
ATOM   459 O  O2    . DC  B 1 11 ? -4.303  -14.876 1.250   1.00 32.60 ? 23 DC  B O2    1 
ATOM   460 N  N3    . DC  B 1 11 ? -2.718  -14.566 2.874   1.00 26.13 ? 23 DC  B N3    1 
ATOM   461 C  C4    . DC  B 1 11 ? -2.449  -14.505 4.181   1.00 28.72 ? 23 DC  B C4    1 
ATOM   462 N  N4    . DC  B 1 11 ? -1.196  -14.264 4.584   1.00 35.66 ? 23 DC  B N4    1 
ATOM   463 C  C5    . DC  B 1 11 ? -3.466  -14.691 5.162   1.00 28.88 ? 23 DC  B C5    1 
ATOM   464 C  C6    . DC  B 1 11 ? -4.710  -14.929 4.726   1.00 31.02 ? 23 DC  B C6    1 
ATOM   465 P  P     . DG  B 1 12 ? -9.166  -18.291 2.947   1.00 47.67 ? 24 DG  B P     1 
ATOM   466 O  OP1   . DG  B 1 12 ? -10.553 -18.735 2.657   1.00 57.87 ? 24 DG  B OP1   1 
ATOM   467 O  OP2   . DG  B 1 12 ? -8.539  -18.603 4.259   1.00 44.44 ? 24 DG  B OP2   1 
ATOM   468 O  "O5'" . DG  B 1 12 ? -8.218  -18.878 1.814   1.00 33.91 ? 24 DG  B "O5'" 1 
ATOM   469 C  "C5'" . DG  B 1 12 ? -8.607  -18.817 0.438   1.00 30.96 ? 24 DG  B "C5'" 1 
ATOM   470 C  "C4'" . DG  B 1 12 ? -7.382  -18.998 -0.419  1.00 34.30 ? 24 DG  B "C4'" 1 
ATOM   471 O  "O4'" . DG  B 1 12 ? -6.346  -18.101 0.024   1.00 34.51 ? 24 DG  B "O4'" 1 
ATOM   472 C  "C3'" . DG  B 1 12 ? -6.771  -20.389 -0.357  1.00 30.69 ? 24 DG  B "C3'" 1 
ATOM   473 O  "O3'" . DG  B 1 12 ? -7.355  -21.223 -1.363  1.00 41.74 ? 24 DG  B "O3'" 1 
ATOM   474 C  "C2'" . DG  B 1 12 ? -5.300  -20.157 -0.564  1.00 31.01 ? 24 DG  B "C2'" 1 
ATOM   475 C  "C1'" . DG  B 1 12 ? -5.071  -18.721 -0.154  1.00 35.51 ? 24 DG  B "C1'" 1 
ATOM   476 N  N9    . DG  B 1 12 ? -4.377  -18.520 1.135   1.00 32.96 ? 24 DG  B N9    1 
ATOM   477 C  C8    . DG  B 1 12 ? -4.918  -18.482 2.398   1.00 30.87 ? 24 DG  B C8    1 
ATOM   478 N  N7    . DG  B 1 12 ? -4.026  -18.286 3.329   1.00 34.22 ? 24 DG  B N7    1 
ATOM   479 C  C5    . DG  B 1 12 ? -2.822  -18.188 2.642   1.00 32.33 ? 24 DG  B C5    1 
ATOM   480 C  C6    . DG  B 1 12 ? -1.499  -17.975 3.109   1.00 32.57 ? 24 DG  B C6    1 
ATOM   481 O  O6    . DG  B 1 12 ? -1.102  -17.824 4.269   1.00 27.45 ? 24 DG  B O6    1 
ATOM   482 N  N1    . DG  B 1 12 ? -0.582  -17.945 2.064   1.00 31.66 ? 24 DG  B N1    1 
ATOM   483 C  C2    . DG  B 1 12 ? -0.890  -18.099 0.735   1.00 33.51 ? 24 DG  B C2    1 
ATOM   484 N  N2    . DG  B 1 12 ? 0.131   -18.039 -0.132  1.00 23.63 ? 24 DG  B N2    1 
ATOM   485 N  N3    . DG  B 1 12 ? -2.121  -18.298 0.284   1.00 39.53 ? 24 DG  B N3    1 
ATOM   486 C  C4    . DG  B 1 12 ? -3.025  -18.331 1.285   1.00 32.15 ? 24 DG  B C4    1 
HETATM 487 MG MG    . MG  C 2 .  ? 4.138   -11.802 4.698   1.00 49.96 ? 26 MG  A MG    1 
HETATM 488 C  C1    . DB9 D 3 .  ? 4.493   3.692   5.030   1.00 53.80 ? 25 DB9 B C1    1 
HETATM 489 C  C2    . DB9 D 3 .  ? 3.902   3.838   3.783   1.00 54.32 ? 25 DB9 B C2    1 
HETATM 490 C  C3    . DB9 D 3 .  ? 2.551   3.571   3.625   1.00 54.35 ? 25 DB9 B C3    1 
HETATM 491 C  C4    . DB9 D 3 .  ? 1.786   3.158   4.716   1.00 56.38 ? 25 DB9 B C4    1 
HETATM 492 C  C5    . DB9 D 3 .  ? 2.373   3.009   5.968   1.00 56.32 ? 25 DB9 B C5    1 
HETATM 493 C  C6    . DB9 D 3 .  ? 3.723   3.277   6.122   1.00 58.05 ? 25 DB9 B C6    1 
HETATM 494 C  C7    . DB9 D 3 .  ? 1.550   2.579   7.081   1.00 50.10 ? 25 DB9 B C7    1 
HETATM 495 C  C8    . DB9 D 3 .  ? 1.824   2.994   8.376   1.00 56.99 ? 25 DB9 B C8    1 
HETATM 496 C  C9    . DB9 D 3 .  ? 1.024   2.573   9.436   1.00 59.28 ? 25 DB9 B C9    1 
HETATM 497 C  C10   . DB9 D 3 .  ? -0.058  1.733   9.195   1.00 61.06 ? 25 DB9 B C10   1 
HETATM 498 C  C11   . DB9 D 3 .  ? -0.347  1.307   7.901   1.00 54.75 ? 25 DB9 B C11   1 
HETATM 499 C  C12   . DB9 D 3 .  ? 0.465   1.741   6.854   1.00 52.28 ? 25 DB9 B C12   1 
HETATM 500 C  C13   . DB9 D 3 .  ? 4.672   4.266   2.636   1.00 58.22 ? 25 DB9 B C13   1 
HETATM 501 N  N14   . DB9 D 3 .  ? 5.969   4.611   2.768   1.00 58.55 ? 25 DB9 B N14   1 
HETATM 502 N  N15   . DB9 D 3 .  ? 4.071   4.332   1.428   1.00 66.64 ? 25 DB9 B N15   1 
HETATM 503 C  C16   . DB9 D 3 .  ? -1.476  0.429   7.638   1.00 46.18 ? 25 DB9 B C16   1 
HETATM 504 N  N17   . DB9 D 3 .  ? -1.736  -0.185  6.445   1.00 45.36 ? 25 DB9 B N17   1 
HETATM 505 C  C18   . DB9 D 3 .  ? -2.875  -0.920  6.594   1.00 43.37 ? 25 DB9 B C18   1 
HETATM 506 C  C19   . DB9 D 3 .  ? -3.291  -0.727  7.908   1.00 47.23 ? 25 DB9 B C19   1 
HETATM 507 N  N20   . DB9 D 3 .  ? -2.402  0.105   8.505   1.00 49.58 ? 25 DB9 B N20   1 
HETATM 508 C  C21   . DB9 D 3 .  ? -4.439  -1.354  8.369   1.00 44.18 ? 25 DB9 B C21   1 
HETATM 509 C  C22   . DB9 D 3 .  ? -5.168  -2.172  7.510   1.00 42.16 ? 25 DB9 B C22   1 
HETATM 510 C  C23   . DB9 D 3 .  ? -4.750  -2.361  6.196   1.00 47.31 ? 25 DB9 B C23   1 
HETATM 511 C  C24   . DB9 D 3 .  ? -3.598  -1.733  5.736   1.00 44.52 ? 25 DB9 B C24   1 
HETATM 512 C  C25   . DB9 D 3 .  ? -5.511  -3.214  5.307   1.00 46.57 ? 25 DB9 B C25   1 
HETATM 513 N  N26   . DB9 D 3 .  ? -4.990  -3.537  4.106   1.00 41.94 ? 25 DB9 B N26   1 
HETATM 514 N  N27   . DB9 D 3 .  ? -6.715  -3.694  5.684   1.00 30.77 ? 25 DB9 B N27   1 
HETATM 515 O  O     . HOH E 4 .  ? 2.039   -14.544 6.760   1.00 39.01 ? 27 HOH A O     1 
HETATM 516 O  O     . HOH E 4 .  ? -12.618 -0.578  4.426   1.00 42.37 ? 28 HOH A O     1 
HETATM 517 O  O     . HOH E 4 .  ? -0.903  -14.450 8.131   1.00 35.17 ? 29 HOH A O     1 
HETATM 518 O  O     . HOH E 4 .  ? -8.159  3.422   1.652   1.00 33.31 ? 30 HOH A O     1 
HETATM 519 O  O     . HOH E 4 .  ? 4.704   -9.555  -0.627  1.00 35.10 ? 31 HOH A O     1 
HETATM 520 O  O     . HOH E 4 .  ? 5.215   -14.806 7.751   1.00 40.73 ? 32 HOH A O     1 
HETATM 521 O  O     . HOH E 4 .  ? 6.821   -10.096 -2.391  1.00 47.12 ? 33 HOH A O     1 
HETATM 522 O  O     . HOH E 4 .  ? -3.582  9.612   1.734   1.00 51.20 ? 34 HOH A O     1 
HETATM 523 O  O     . HOH E 4 .  ? 6.041   9.988   -2.206  1.00 39.37 ? 35 HOH A O     1 
HETATM 524 O  O     . HOH E 4 .  ? 3.242   -13.543 -10.627 1.00 47.84 ? 36 HOH A O     1 
HETATM 525 O  O     . HOH E 4 .  ? -5.396  1.248   9.543   1.00 46.92 ? 37 HOH A O     1 
HETATM 526 O  O     . HOH E 4 .  ? -6.134  6.668   4.791   1.00 48.79 ? 38 HOH A O     1 
HETATM 527 O  O     . HOH E 4 .  ? -7.871  5.625   2.242   1.00 44.52 ? 39 HOH A O     1 
HETATM 528 O  O     . HOH E 4 .  ? 10.450  17.614  -4.919  1.00 38.54 ? 40 HOH A O     1 
HETATM 529 O  O     . HOH E 4 .  ? -4.089  -0.782  -4.678  1.00 56.22 ? 41 HOH A O     1 
HETATM 530 O  O     . HOH E 4 .  ? -4.209  -7.030  -9.947  1.00 51.87 ? 42 HOH A O     1 
HETATM 531 O  O     . HOH E 4 .  ? 9.527   7.688   -0.022  1.00 46.98 ? 43 HOH A O     1 
HETATM 532 O  O     . HOH E 4 .  ? 0.696   -4.025  -4.297  1.00 49.65 ? 44 HOH A O     1 
HETATM 533 O  O     . HOH E 4 .  ? -5.733  12.143  3.378   1.00 46.65 ? 45 HOH A O     1 
HETATM 534 O  O     . HOH E 4 .  ? 11.642  13.836  -9.904  1.00 58.36 ? 46 HOH A O     1 
HETATM 535 O  O     . HOH E 4 .  ? -3.820  9.060   6.698   1.00 49.57 ? 47 HOH A O     1 
HETATM 536 O  O     . HOH E 4 .  ? -7.284  -7.822  0.696   1.00 54.64 ? 48 HOH A O     1 
HETATM 537 O  O     . HOH E 4 .  ? 6.889   -12.817 -1.277  1.00 46.91 ? 49 HOH A O     1 
HETATM 538 O  O     . HOH E 4 .  ? 4.512   -12.431 2.711   1.00 30.74 ? 50 HOH A O     1 
HETATM 539 O  O     . HOH E 4 .  ? 5.213   -13.486 5.438   1.00 41.59 ? 51 HOH A O     1 
HETATM 540 O  O     . HOH E 4 .  ? 2.328   -12.913 4.693   1.00 34.71 ? 52 HOH A O     1 
HETATM 541 O  O     . HOH F 4 .  ? 3.417   -7.941  3.250   1.00 41.67 ? 26 HOH B O     1 
HETATM 542 O  O     . HOH F 4 .  ? 5.243   6.228   -0.621  1.00 35.27 ? 27 HOH B O     1 
HETATM 543 O  O     . HOH F 4 .  ? 7.391   -9.756  2.497   1.00 39.74 ? 28 HOH B O     1 
HETATM 544 O  O     . HOH F 4 .  ? -4.114  8.194   -2.961  1.00 46.98 ? 29 HOH B O     1 
HETATM 545 O  O     . HOH F 4 .  ? 1.219   -10.631 6.959   1.00 50.34 ? 30 HOH B O     1 
HETATM 546 O  O     . HOH F 4 .  ? -2.594  4.004   -5.671  1.00 42.46 ? 31 HOH B O     1 
HETATM 547 O  O     . HOH F 4 .  ? 6.667   0.371   -4.388  1.00 53.95 ? 32 HOH B O     1 
HETATM 548 O  O     . HOH F 4 .  ? -6.170  -11.390 2.831   1.00 57.84 ? 33 HOH B O     1 
HETATM 549 O  O     . HOH F 4 .  ? -4.436  -13.468 10.183  1.00 50.62 ? 34 HOH B O     1 
HETATM 550 O  O     . HOH F 4 .  ? -5.678  9.410   -0.692  1.00 44.60 ? 35 HOH B O     1 
HETATM 551 O  O     . HOH F 4 .  ? 8.410   -1.535  7.256   1.00 60.86 ? 36 HOH B O     1 
HETATM 552 O  O     . HOH F 4 .  ? -8.280  15.203  -8.995  1.00 46.41 ? 37 HOH B O     1 
HETATM 553 O  O     . HOH F 4 .  ? -0.137  3.122   -6.820  1.00 52.18 ? 38 HOH B O     1 
HETATM 554 O  O     . HOH F 4 .  ? -7.050  -6.501  12.351  1.00 48.74 ? 39 HOH B O     1 
HETATM 555 O  O     . HOH F 4 .  ? -5.932  -7.579  3.861   1.00 39.40 ? 40 HOH B O     1 
HETATM 556 O  O     . HOH F 4 .  ? 8.382   -1.025  -2.931  1.00 45.39 ? 41 HOH B O     1 
HETATM 557 O  O     . HOH F 4 .  ? 3.096   -10.096 3.986   1.00 37.15 ? 42 HOH B O     1 
HETATM 558 O  O     . HOH F 4 .  ? 3.725   -11.208 6.700   1.00 48.89 ? 43 HOH B O     1 
HETATM 559 O  O     . HOH F 4 .  ? 5.935   -10.673 4.720   1.00 34.19 ? 44 HOH B O     1 
# 
loop_
_pdbx_poly_seq_scheme.asym_id 
_pdbx_poly_seq_scheme.entity_id 
_pdbx_poly_seq_scheme.seq_id 
_pdbx_poly_seq_scheme.mon_id 
_pdbx_poly_seq_scheme.ndb_seq_num 
_pdbx_poly_seq_scheme.pdb_seq_num 
_pdbx_poly_seq_scheme.auth_seq_num 
_pdbx_poly_seq_scheme.pdb_mon_id 
_pdbx_poly_seq_scheme.auth_mon_id 
_pdbx_poly_seq_scheme.pdb_strand_id 
_pdbx_poly_seq_scheme.pdb_ins_code 
_pdbx_poly_seq_scheme.hetero 
A 1 1  DC 1  1  1  DC C A . n 
A 1 2  DG 2  2  2  DG G A . n 
A 1 3  DC 3  3  3  DC C A . n 
A 1 4  DG 4  4  4  DG G A . n 
A 1 5  DA 5  5  5  DA A A . n 
A 1 6  DA 6  6  6  DA A A . n 
A 1 7  DT 7  7  7  DT T A . n 
A 1 8  DT 8  8  8  DT T A . n 
A 1 9  DC 9  9  9  DC C A . n 
A 1 10 DG 10 10 10 DG G A . n 
A 1 11 DC 11 11 11 DC C A . n 
A 1 12 DG 12 12 12 DG G A . n 
B 1 1  DC 1  13 13 DC C B . n 
B 1 2  DG 2  14 14 DG G B . n 
B 1 3  DC 3  15 15 DC C B . n 
B 1 4  DG 4  16 16 DG G B . n 
B 1 5  DA 5  17 17 DA A B . n 
B 1 6  DA 6  18 18 DA A B . n 
B 1 7  DT 7  19 19 DT T B . n 
B 1 8  DT 8  20 20 DT T B . n 
B 1 9  DC 9  21 21 DC C B . n 
B 1 10 DG 10 22 22 DG G B . n 
B 1 11 DC 11 23 23 DC C B . n 
B 1 12 DG 12 24 24 DG G B . n 
# 
loop_
_pdbx_nonpoly_scheme.asym_id 
_pdbx_nonpoly_scheme.entity_id 
_pdbx_nonpoly_scheme.mon_id 
_pdbx_nonpoly_scheme.ndb_seq_num 
_pdbx_nonpoly_scheme.pdb_seq_num 
_pdbx_nonpoly_scheme.auth_seq_num 
_pdbx_nonpoly_scheme.pdb_mon_id 
_pdbx_nonpoly_scheme.auth_mon_id 
_pdbx_nonpoly_scheme.pdb_strand_id 
_pdbx_nonpoly_scheme.pdb_ins_code 
C 2 MG  1  26 26 MG  MG  A . 
D 3 DB9 1  25 25 DB9 DB9 B . 
E 4 HOH 1  27 27 HOH HOH A . 
E 4 HOH 2  28 29 HOH HOH A . 
E 4 HOH 3  29 31 HOH HOH A . 
E 4 HOH 4  30 32 HOH HOH A . 
E 4 HOH 5  31 33 HOH HOH A . 
E 4 HOH 6  32 34 HOH HOH A . 
E 4 HOH 7  33 35 HOH HOH A . 
E 4 HOH 8  34 36 HOH HOH A . 
E 4 HOH 9  35 37 HOH HOH A . 
E 4 HOH 10 36 38 HOH HOH A . 
E 4 HOH 11 37 39 HOH HOH A . 
E 4 HOH 12 38 41 HOH HOH A . 
E 4 HOH 13 39 42 HOH HOH A . 
E 4 HOH 14 40 44 HOH HOH A . 
E 4 HOH 15 41 49 HOH HOH A . 
E 4 HOH 16 42 55 HOH HOH A . 
E 4 HOH 17 43 58 HOH HOH A . 
E 4 HOH 18 44 60 HOH HOH A . 
E 4 HOH 19 45 61 HOH HOH A . 
E 4 HOH 20 46 62 HOH HOH A . 
E 4 HOH 21 47 63 HOH HOH A . 
E 4 HOH 22 48 64 HOH HOH A . 
E 4 HOH 23 49 65 HOH HOH A . 
E 4 HOH 24 50 67 HOH HOH A . 
E 4 HOH 25 51 68 HOH HOH A . 
E 4 HOH 26 52 71 HOH HOH A . 
F 4 HOH 1  26 28 HOH HOH B . 
F 4 HOH 2  27 30 HOH HOH B . 
F 4 HOH 3  28 40 HOH HOH B . 
F 4 HOH 4  29 43 HOH HOH B . 
F 4 HOH 5  30 45 HOH HOH B . 
F 4 HOH 6  31 46 HOH HOH B . 
F 4 HOH 7  32 47 HOH HOH B . 
F 4 HOH 8  33 48 HOH HOH B . 
F 4 HOH 9  34 50 HOH HOH B . 
F 4 HOH 10 35 51 HOH HOH B . 
F 4 HOH 11 36 52 HOH HOH B . 
F 4 HOH 12 37 53 HOH HOH B . 
F 4 HOH 13 38 54 HOH HOH B . 
F 4 HOH 14 39 56 HOH HOH B . 
F 4 HOH 15 40 57 HOH HOH B . 
F 4 HOH 16 41 59 HOH HOH B . 
F 4 HOH 17 42 66 HOH HOH B . 
F 4 HOH 18 43 69 HOH HOH B . 
F 4 HOH 19 44 70 HOH HOH B . 
# 
_struct_site_keywords.site_id   1 
_struct_site_keywords.text      'minor groove binder' 
# 
_pdbx_struct_assembly.id                   1 
_pdbx_struct_assembly.details              author_defined_assembly 
_pdbx_struct_assembly.method_details       ? 
_pdbx_struct_assembly.oligomeric_details   dimeric 
_pdbx_struct_assembly.oligomeric_count     2 
# 
_pdbx_struct_assembly_gen.assembly_id       1 
_pdbx_struct_assembly_gen.oper_expression   1 
_pdbx_struct_assembly_gen.asym_id_list      A,B,C,D,E,F 
# 
_pdbx_struct_oper_list.id                   1 
_pdbx_struct_oper_list.type                 'identity operation' 
_pdbx_struct_oper_list.name                 1_555 
_pdbx_struct_oper_list.symmetry_operation   x,y,z 
_pdbx_struct_oper_list.matrix[1][1]         1.0000000000 
_pdbx_struct_oper_list.matrix[1][2]         0.0000000000 
_pdbx_struct_oper_list.matrix[1][3]         0.0000000000 
_pdbx_struct_oper_list.vector[1]            0.0000000000 
_pdbx_struct_oper_list.matrix[2][1]         0.0000000000 
_pdbx_struct_oper_list.matrix[2][2]         1.0000000000 
_pdbx_struct_oper_list.matrix[2][3]         0.0000000000 
_pdbx_struct_oper_list.vector[2]            0.0000000000 
_pdbx_struct_oper_list.matrix[3][1]         0.0000000000 
_pdbx_struct_oper_list.matrix[3][2]         0.0000000000 
_pdbx_struct_oper_list.matrix[3][3]         1.0000000000 
_pdbx_struct_oper_list.vector[3]            0.0000000000 
# 
loop_
_pdbx_struct_conn_angle.id 
_pdbx_struct_conn_angle.ptnr1_label_atom_id 
_pdbx_struct_conn_angle.ptnr1_label_alt_id 
_pdbx_struct_conn_angle.ptnr1_label_asym_id 
_pdbx_struct_conn_angle.ptnr1_label_comp_id 
_pdbx_struct_conn_angle.ptnr1_label_seq_id 
_pdbx_struct_conn_angle.ptnr1_auth_atom_id 
_pdbx_struct_conn_angle.ptnr1_auth_asym_id 
_pdbx_struct_conn_angle.ptnr1_auth_comp_id 
_pdbx_struct_conn_angle.ptnr1_auth_seq_id 
_pdbx_struct_conn_angle.ptnr1_PDB_ins_code 
_pdbx_struct_conn_angle.ptnr1_symmetry 
_pdbx_struct_conn_angle.ptnr2_label_atom_id 
_pdbx_struct_conn_angle.ptnr2_label_alt_id 
_pdbx_struct_conn_angle.ptnr2_label_asym_id 
_pdbx_struct_conn_angle.ptnr2_label_comp_id 
_pdbx_struct_conn_angle.ptnr2_label_seq_id 
_pdbx_struct_conn_angle.ptnr2_auth_atom_id 
_pdbx_struct_conn_angle.ptnr2_auth_asym_id 
_pdbx_struct_conn_angle.ptnr2_auth_comp_id 
_pdbx_struct_conn_angle.ptnr2_auth_seq_id 
_pdbx_struct_conn_angle.ptnr2_PDB_ins_code 
_pdbx_struct_conn_angle.ptnr2_symmetry 
_pdbx_struct_conn_angle.ptnr3_label_atom_id 
_pdbx_struct_conn_angle.ptnr3_label_alt_id 
_pdbx_struct_conn_angle.ptnr3_label_asym_id 
_pdbx_struct_conn_angle.ptnr3_label_comp_id 
_pdbx_struct_conn_angle.ptnr3_label_seq_id 
_pdbx_struct_conn_angle.ptnr3_auth_atom_id 
_pdbx_struct_conn_angle.ptnr3_auth_asym_id 
_pdbx_struct_conn_angle.ptnr3_auth_comp_id 
_pdbx_struct_conn_angle.ptnr3_auth_seq_id 
_pdbx_struct_conn_angle.ptnr3_PDB_ins_code 
_pdbx_struct_conn_angle.ptnr3_symmetry 
_pdbx_struct_conn_angle.value 
_pdbx_struct_conn_angle.value_esd 
1  O ? E HOH . ? A HOH 50 ? 1_555 MG ? C MG . ? A MG 26 ? 1_555 O ? E HOH . ? A HOH 51 ? 1_555 90.1  ? 
2  O ? E HOH . ? A HOH 50 ? 1_555 MG ? C MG . ? A MG 26 ? 1_555 O ? E HOH . ? A HOH 52 ? 1_555 89.6  ? 
3  O ? E HOH . ? A HOH 51 ? 1_555 MG ? C MG . ? A MG 26 ? 1_555 O ? E HOH . ? A HOH 52 ? 1_555 91.0  ? 
4  O ? E HOH . ? A HOH 50 ? 1_555 MG ? C MG . ? A MG 26 ? 1_555 O ? F HOH . ? B HOH 42 ? 1_555 90.6  ? 
5  O ? E HOH . ? A HOH 51 ? 1_555 MG ? C MG . ? A MG 26 ? 1_555 O ? F HOH . ? B HOH 42 ? 1_555 178.7 ? 
6  O ? E HOH . ? A HOH 52 ? 1_555 MG ? C MG . ? A MG 26 ? 1_555 O ? F HOH . ? B HOH 42 ? 1_555 90.1  ? 
7  O ? E HOH . ? A HOH 50 ? 1_555 MG ? C MG . ? A MG 26 ? 1_555 O ? F HOH . ? B HOH 43 ? 1_555 178.5 ? 
8  O ? E HOH . ? A HOH 51 ? 1_555 MG ? C MG . ? A MG 26 ? 1_555 O ? F HOH . ? B HOH 43 ? 1_555 89.5  ? 
9  O ? E HOH . ? A HOH 52 ? 1_555 MG ? C MG . ? A MG 26 ? 1_555 O ? F HOH . ? B HOH 43 ? 1_555 89.0  ? 
10 O ? F HOH . ? B HOH 42 ? 1_555 MG ? C MG . ? A MG 26 ? 1_555 O ? F HOH . ? B HOH 43 ? 1_555 89.8  ? 
11 O ? E HOH . ? A HOH 50 ? 1_555 MG ? C MG . ? A MG 26 ? 1_555 O ? F HOH . ? B HOH 44 ? 1_555 91.1  ? 
12 O ? E HOH . ? A HOH 51 ? 1_555 MG ? C MG . ? A MG 26 ? 1_555 O ? F HOH . ? B HOH 44 ? 1_555 89.4  ? 
13 O ? E HOH . ? A HOH 52 ? 1_555 MG ? C MG . ? A MG 26 ? 1_555 O ? F HOH . ? B HOH 44 ? 1_555 179.2 ? 
14 O ? F HOH . ? B HOH 42 ? 1_555 MG ? C MG . ? A MG 26 ? 1_555 O ? F HOH . ? B HOH 44 ? 1_555 89.5  ? 
15 O ? F HOH . ? B HOH 43 ? 1_555 MG ? C MG . ? A MG 26 ? 1_555 O ? F HOH . ? B HOH 44 ? 1_555 90.3  ? 
# 
loop_
_pdbx_audit_revision_history.ordinal 
_pdbx_audit_revision_history.data_content_type 
_pdbx_audit_revision_history.major_revision 
_pdbx_audit_revision_history.minor_revision 
_pdbx_audit_revision_history.revision_date 
1 'Structure model' 1 0 2007-10-30 
2 'Structure model' 1 1 2011-07-13 
3 'Structure model' 1 2 2019-07-24 
4 'Structure model' 1 3 2023-08-30 
# 
_pdbx_audit_revision_details.ordinal             1 
_pdbx_audit_revision_details.revision_ordinal    1 
_pdbx_audit_revision_details.data_content_type   'Structure model' 
_pdbx_audit_revision_details.provider            repository 
_pdbx_audit_revision_details.type                'Initial release' 
_pdbx_audit_revision_details.description         ? 
_pdbx_audit_revision_details.details             ? 
# 
loop_
_pdbx_audit_revision_group.ordinal 
_pdbx_audit_revision_group.revision_ordinal 
_pdbx_audit_revision_group.data_content_type 
_pdbx_audit_revision_group.group 
1 2 'Structure model' 'Version format compliance' 
2 3 'Structure model' 'Data collection'           
3 3 'Structure model' 'Refinement description'    
4 4 'Structure model' 'Data collection'           
5 4 'Structure model' 'Database references'       
6 4 'Structure model' 'Derived calculations'      
7 4 'Structure model' 'Refinement description'    
# 
loop_
_pdbx_audit_revision_category.ordinal 
_pdbx_audit_revision_category.revision_ordinal 
_pdbx_audit_revision_category.data_content_type 
_pdbx_audit_revision_category.category 
1 3 'Structure model' software                      
2 4 'Structure model' chem_comp_atom                
3 4 'Structure model' chem_comp_bond                
4 4 'Structure model' database_2                    
5 4 'Structure model' pdbx_initial_refinement_model 
6 4 'Structure model' pdbx_struct_conn_angle        
7 4 'Structure model' struct_conn                   
8 4 'Structure model' struct_site                   
# 
loop_
_pdbx_audit_revision_item.ordinal 
_pdbx_audit_revision_item.revision_ordinal 
_pdbx_audit_revision_item.data_content_type 
_pdbx_audit_revision_item.item 
1  3 'Structure model' '_software.classification'                    
2  3 'Structure model' '_software.name'                              
3  4 'Structure model' '_database_2.pdbx_DOI'                        
4  4 'Structure model' '_database_2.pdbx_database_accession'         
5  4 'Structure model' '_pdbx_struct_conn_angle.ptnr1_auth_asym_id'  
6  4 'Structure model' '_pdbx_struct_conn_angle.ptnr1_auth_seq_id'   
7  4 'Structure model' '_pdbx_struct_conn_angle.ptnr1_label_asym_id' 
8  4 'Structure model' '_pdbx_struct_conn_angle.ptnr3_auth_asym_id'  
9  4 'Structure model' '_pdbx_struct_conn_angle.ptnr3_auth_seq_id'   
10 4 'Structure model' '_pdbx_struct_conn_angle.ptnr3_label_asym_id' 
11 4 'Structure model' '_pdbx_struct_conn_angle.value'               
12 4 'Structure model' '_struct_conn.pdbx_dist_value'                
13 4 'Structure model' '_struct_conn.ptnr2_auth_asym_id'             
14 4 'Structure model' '_struct_conn.ptnr2_auth_seq_id'              
15 4 'Structure model' '_struct_conn.ptnr2_label_asym_id'            
16 4 'Structure model' '_struct_site.pdbx_auth_asym_id'              
17 4 'Structure model' '_struct_site.pdbx_auth_comp_id'              
18 4 'Structure model' '_struct_site.pdbx_auth_seq_id'               
# 
loop_
_software.name 
_software.classification 
_software.version 
_software.citation_id 
_software.pdbx_ordinal 
SHELXL-97    refinement        . ? 1 
CNS          refinement        . ? 2 
CrystalClear 'data collection' . ? 3 
d*TREK       'data reduction'  . ? 4 
d*TREK       'data scaling'    . ? 5 
CNS          phasing           . ? 6 
# 
loop_
_pdbx_validate_rmsd_angle.id 
_pdbx_validate_rmsd_angle.PDB_model_num 
_pdbx_validate_rmsd_angle.auth_atom_id_1 
_pdbx_validate_rmsd_angle.auth_asym_id_1 
_pdbx_validate_rmsd_angle.auth_comp_id_1 
_pdbx_validate_rmsd_angle.auth_seq_id_1 
_pdbx_validate_rmsd_angle.PDB_ins_code_1 
_pdbx_validate_rmsd_angle.label_alt_id_1 
_pdbx_validate_rmsd_angle.auth_atom_id_2 
_pdbx_validate_rmsd_angle.auth_asym_id_2 
_pdbx_validate_rmsd_angle.auth_comp_id_2 
_pdbx_validate_rmsd_angle.auth_seq_id_2 
_pdbx_validate_rmsd_angle.PDB_ins_code_2 
_pdbx_validate_rmsd_angle.label_alt_id_2 
_pdbx_validate_rmsd_angle.auth_atom_id_3 
_pdbx_validate_rmsd_angle.auth_asym_id_3 
_pdbx_validate_rmsd_angle.auth_comp_id_3 
_pdbx_validate_rmsd_angle.auth_seq_id_3 
_pdbx_validate_rmsd_angle.PDB_ins_code_3 
_pdbx_validate_rmsd_angle.label_alt_id_3 
_pdbx_validate_rmsd_angle.angle_value 
_pdbx_validate_rmsd_angle.angle_target_value 
_pdbx_validate_rmsd_angle.angle_deviation 
_pdbx_validate_rmsd_angle.angle_standard_deviation 
_pdbx_validate_rmsd_angle.linker_flag 
1 1 "C3'" A DG 10 ? ? "C2'" A DG 10 ? ? "C1'" A DG 10 ? ? 97.11  102.40 -5.29 0.80 N 
2 1 "C3'" A DG 10 ? ? "O3'" A DG 10 ? ? P     A DC 11 ? ? 127.07 119.70 7.37  1.20 Y 
3 1 "C3'" B DA 17 ? ? "O3'" B DA 17 ? ? P     B DA 18 ? ? 127.78 119.70 8.08  1.20 Y 
4 1 "O4'" B DC 21 ? ? "C1'" B DC 21 ? ? N1    B DC 21 ? ? 103.53 108.00 -4.47 0.70 N 
5 1 "O4'" B DG 22 ? ? "C1'" B DG 22 ? ? N9    B DG 22 ? ? 110.40 108.30 2.10  0.30 N 
6 1 "O4'" B DC 23 ? ? "C1'" B DC 23 ? ? N1    B DC 23 ? ? 111.55 108.30 3.25  0.30 N 
# 
loop_
_chem_comp_atom.comp_id 
_chem_comp_atom.atom_id 
_chem_comp_atom.type_symbol 
_chem_comp_atom.pdbx_aromatic_flag 
_chem_comp_atom.pdbx_stereo_config 
_chem_comp_atom.pdbx_ordinal 
DA  OP3    O  N N 1   
DA  P      P  N N 2   
DA  OP1    O  N N 3   
DA  OP2    O  N N 4   
DA  "O5'"  O  N N 5   
DA  "C5'"  C  N N 6   
DA  "C4'"  C  N R 7   
DA  "O4'"  O  N N 8   
DA  "C3'"  C  N S 9   
DA  "O3'"  O  N N 10  
DA  "C2'"  C  N N 11  
DA  "C1'"  C  N R 12  
DA  N9     N  Y N 13  
DA  C8     C  Y N 14  
DA  N7     N  Y N 15  
DA  C5     C  Y N 16  
DA  C6     C  Y N 17  
DA  N6     N  N N 18  
DA  N1     N  Y N 19  
DA  C2     C  Y N 20  
DA  N3     N  Y N 21  
DA  C4     C  Y N 22  
DA  HOP3   H  N N 23  
DA  HOP2   H  N N 24  
DA  "H5'"  H  N N 25  
DA  "H5''" H  N N 26  
DA  "H4'"  H  N N 27  
DA  "H3'"  H  N N 28  
DA  "HO3'" H  N N 29  
DA  "H2'"  H  N N 30  
DA  "H2''" H  N N 31  
DA  "H1'"  H  N N 32  
DA  H8     H  N N 33  
DA  H61    H  N N 34  
DA  H62    H  N N 35  
DA  H2     H  N N 36  
DB9 C1     C  Y N 37  
DB9 C2     C  Y N 38  
DB9 C3     C  Y N 39  
DB9 C4     C  Y N 40  
DB9 C5     C  Y N 41  
DB9 C6     C  Y N 42  
DB9 C7     C  Y N 43  
DB9 C8     C  Y N 44  
DB9 C9     C  Y N 45  
DB9 C10    C  Y N 46  
DB9 C11    C  Y N 47  
DB9 C12    C  Y N 48  
DB9 C13    C  N N 49  
DB9 N14    N  N N 50  
DB9 N15    N  N N 51  
DB9 C16    C  Y N 52  
DB9 N17    N  Y N 53  
DB9 C18    C  Y N 54  
DB9 C19    C  Y N 55  
DB9 N20    N  Y N 56  
DB9 C21    C  Y N 57  
DB9 C22    C  Y N 58  
DB9 C23    C  Y N 59  
DB9 C24    C  Y N 60  
DB9 C25    C  N N 61  
DB9 N26    N  N N 62  
DB9 N27    N  N N 63  
DB9 H1     H  N N 64  
DB9 H3     H  N N 65  
DB9 H4     H  N N 66  
DB9 H6     H  N N 67  
DB9 H8     H  N N 68  
DB9 H9     H  N N 69  
DB9 H10    H  N N 70  
DB9 H12    H  N N 71  
DB9 H141   H  N N 72  
DB9 H142   H  N N 73  
DB9 HN15   H  N N 74  
DB9 HN17   H  N N 75  
DB9 H21    H  N N 76  
DB9 H22    H  N N 77  
DB9 H24    H  N N 78  
DB9 H261   H  N N 79  
DB9 H262   H  N N 80  
DB9 HN27   H  N N 81  
DC  OP3    O  N N 82  
DC  P      P  N N 83  
DC  OP1    O  N N 84  
DC  OP2    O  N N 85  
DC  "O5'"  O  N N 86  
DC  "C5'"  C  N N 87  
DC  "C4'"  C  N R 88  
DC  "O4'"  O  N N 89  
DC  "C3'"  C  N S 90  
DC  "O3'"  O  N N 91  
DC  "C2'"  C  N N 92  
DC  "C1'"  C  N R 93  
DC  N1     N  N N 94  
DC  C2     C  N N 95  
DC  O2     O  N N 96  
DC  N3     N  N N 97  
DC  C4     C  N N 98  
DC  N4     N  N N 99  
DC  C5     C  N N 100 
DC  C6     C  N N 101 
DC  HOP3   H  N N 102 
DC  HOP2   H  N N 103 
DC  "H5'"  H  N N 104 
DC  "H5''" H  N N 105 
DC  "H4'"  H  N N 106 
DC  "H3'"  H  N N 107 
DC  "HO3'" H  N N 108 
DC  "H2'"  H  N N 109 
DC  "H2''" H  N N 110 
DC  "H1'"  H  N N 111 
DC  H41    H  N N 112 
DC  H42    H  N N 113 
DC  H5     H  N N 114 
DC  H6     H  N N 115 
DG  OP3    O  N N 116 
DG  P      P  N N 117 
DG  OP1    O  N N 118 
DG  OP2    O  N N 119 
DG  "O5'"  O  N N 120 
DG  "C5'"  C  N N 121 
DG  "C4'"  C  N R 122 
DG  "O4'"  O  N N 123 
DG  "C3'"  C  N S 124 
DG  "O3'"  O  N N 125 
DG  "C2'"  C  N N 126 
DG  "C1'"  C  N R 127 
DG  N9     N  Y N 128 
DG  C8     C  Y N 129 
DG  N7     N  Y N 130 
DG  C5     C  Y N 131 
DG  C6     C  N N 132 
DG  O6     O  N N 133 
DG  N1     N  N N 134 
DG  C2     C  N N 135 
DG  N2     N  N N 136 
DG  N3     N  N N 137 
DG  C4     C  Y N 138 
DG  HOP3   H  N N 139 
DG  HOP2   H  N N 140 
DG  "H5'"  H  N N 141 
DG  "H5''" H  N N 142 
DG  "H4'"  H  N N 143 
DG  "H3'"  H  N N 144 
DG  "HO3'" H  N N 145 
DG  "H2'"  H  N N 146 
DG  "H2''" H  N N 147 
DG  "H1'"  H  N N 148 
DG  H8     H  N N 149 
DG  H1     H  N N 150 
DG  H21    H  N N 151 
DG  H22    H  N N 152 
DT  OP3    O  N N 153 
DT  P      P  N N 154 
DT  OP1    O  N N 155 
DT  OP2    O  N N 156 
DT  "O5'"  O  N N 157 
DT  "C5'"  C  N N 158 
DT  "C4'"  C  N R 159 
DT  "O4'"  O  N N 160 
DT  "C3'"  C  N S 161 
DT  "O3'"  O  N N 162 
DT  "C2'"  C  N N 163 
DT  "C1'"  C  N R 164 
DT  N1     N  N N 165 
DT  C2     C  N N 166 
DT  O2     O  N N 167 
DT  N3     N  N N 168 
DT  C4     C  N N 169 
DT  O4     O  N N 170 
DT  C5     C  N N 171 
DT  C7     C  N N 172 
DT  C6     C  N N 173 
DT  HOP3   H  N N 174 
DT  HOP2   H  N N 175 
DT  "H5'"  H  N N 176 
DT  "H5''" H  N N 177 
DT  "H4'"  H  N N 178 
DT  "H3'"  H  N N 179 
DT  "HO3'" H  N N 180 
DT  "H2'"  H  N N 181 
DT  "H2''" H  N N 182 
DT  "H1'"  H  N N 183 
DT  H3     H  N N 184 
DT  H71    H  N N 185 
DT  H72    H  N N 186 
DT  H73    H  N N 187 
DT  H6     H  N N 188 
HOH O      O  N N 189 
HOH H1     H  N N 190 
HOH H2     H  N N 191 
MG  MG     MG N N 192 
# 
loop_
_chem_comp_bond.comp_id 
_chem_comp_bond.atom_id_1 
_chem_comp_bond.atom_id_2 
_chem_comp_bond.value_order 
_chem_comp_bond.pdbx_aromatic_flag 
_chem_comp_bond.pdbx_stereo_config 
_chem_comp_bond.pdbx_ordinal 
DA  OP3   P      sing N N 1   
DA  OP3   HOP3   sing N N 2   
DA  P     OP1    doub N N 3   
DA  P     OP2    sing N N 4   
DA  P     "O5'"  sing N N 5   
DA  OP2   HOP2   sing N N 6   
DA  "O5'" "C5'"  sing N N 7   
DA  "C5'" "C4'"  sing N N 8   
DA  "C5'" "H5'"  sing N N 9   
DA  "C5'" "H5''" sing N N 10  
DA  "C4'" "O4'"  sing N N 11  
DA  "C4'" "C3'"  sing N N 12  
DA  "C4'" "H4'"  sing N N 13  
DA  "O4'" "C1'"  sing N N 14  
DA  "C3'" "O3'"  sing N N 15  
DA  "C3'" "C2'"  sing N N 16  
DA  "C3'" "H3'"  sing N N 17  
DA  "O3'" "HO3'" sing N N 18  
DA  "C2'" "C1'"  sing N N 19  
DA  "C2'" "H2'"  sing N N 20  
DA  "C2'" "H2''" sing N N 21  
DA  "C1'" N9     sing N N 22  
DA  "C1'" "H1'"  sing N N 23  
DA  N9    C8     sing Y N 24  
DA  N9    C4     sing Y N 25  
DA  C8    N7     doub Y N 26  
DA  C8    H8     sing N N 27  
DA  N7    C5     sing Y N 28  
DA  C5    C6     sing Y N 29  
DA  C5    C4     doub Y N 30  
DA  C6    N6     sing N N 31  
DA  C6    N1     doub Y N 32  
DA  N6    H61    sing N N 33  
DA  N6    H62    sing N N 34  
DA  N1    C2     sing Y N 35  
DA  C2    N3     doub Y N 36  
DA  C2    H2     sing N N 37  
DA  N3    C4     sing Y N 38  
DB9 C1    C2     doub Y N 39  
DB9 C1    C6     sing Y N 40  
DB9 C1    H1     sing N N 41  
DB9 C2    C13    sing N N 42  
DB9 C2    C3     sing Y N 43  
DB9 C3    C4     doub Y N 44  
DB9 C3    H3     sing N N 45  
DB9 C4    C5     sing Y N 46  
DB9 C4    H4     sing N N 47  
DB9 C5    C6     doub Y N 48  
DB9 C5    C7     sing Y N 49  
DB9 C6    H6     sing N N 50  
DB9 C7    C8     doub Y N 51  
DB9 C7    C12    sing Y N 52  
DB9 C8    C9     sing Y N 53  
DB9 C8    H8     sing N N 54  
DB9 C9    C10    doub Y N 55  
DB9 C9    H9     sing N N 56  
DB9 C10   C11    sing Y N 57  
DB9 C10   H10    sing N N 58  
DB9 C11   C12    doub Y N 59  
DB9 C11   C16    sing Y N 60  
DB9 C12   H12    sing N N 61  
DB9 C13   N14    sing N N 62  
DB9 C13   N15    doub N E 63  
DB9 N14   H141   sing N N 64  
DB9 N14   H142   sing N N 65  
DB9 N15   HN15   sing N N 66  
DB9 C16   N17    sing Y N 67  
DB9 C16   N20    doub Y N 68  
DB9 N17   C18    sing Y N 69  
DB9 N17   HN17   sing N N 70  
DB9 C18   C19    doub Y N 71  
DB9 C18   C24    sing Y N 72  
DB9 C19   N20    sing Y N 73  
DB9 C19   C21    sing Y N 74  
DB9 C21   C22    doub Y N 75  
DB9 C21   H21    sing N N 76  
DB9 C22   C23    sing Y N 77  
DB9 C22   H22    sing N N 78  
DB9 C23   C24    doub Y N 79  
DB9 C23   C25    sing N N 80  
DB9 C24   H24    sing N N 81  
DB9 C25   N26    sing N N 82  
DB9 C25   N27    doub N E 83  
DB9 N26   H261   sing N N 84  
DB9 N26   H262   sing N N 85  
DB9 N27   HN27   sing N N 86  
DC  OP3   P      sing N N 87  
DC  OP3   HOP3   sing N N 88  
DC  P     OP1    doub N N 89  
DC  P     OP2    sing N N 90  
DC  P     "O5'"  sing N N 91  
DC  OP2   HOP2   sing N N 92  
DC  "O5'" "C5'"  sing N N 93  
DC  "C5'" "C4'"  sing N N 94  
DC  "C5'" "H5'"  sing N N 95  
DC  "C5'" "H5''" sing N N 96  
DC  "C4'" "O4'"  sing N N 97  
DC  "C4'" "C3'"  sing N N 98  
DC  "C4'" "H4'"  sing N N 99  
DC  "O4'" "C1'"  sing N N 100 
DC  "C3'" "O3'"  sing N N 101 
DC  "C3'" "C2'"  sing N N 102 
DC  "C3'" "H3'"  sing N N 103 
DC  "O3'" "HO3'" sing N N 104 
DC  "C2'" "C1'"  sing N N 105 
DC  "C2'" "H2'"  sing N N 106 
DC  "C2'" "H2''" sing N N 107 
DC  "C1'" N1     sing N N 108 
DC  "C1'" "H1'"  sing N N 109 
DC  N1    C2     sing N N 110 
DC  N1    C6     sing N N 111 
DC  C2    O2     doub N N 112 
DC  C2    N3     sing N N 113 
DC  N3    C4     doub N N 114 
DC  C4    N4     sing N N 115 
DC  C4    C5     sing N N 116 
DC  N4    H41    sing N N 117 
DC  N4    H42    sing N N 118 
DC  C5    C6     doub N N 119 
DC  C5    H5     sing N N 120 
DC  C6    H6     sing N N 121 
DG  OP3   P      sing N N 122 
DG  OP3   HOP3   sing N N 123 
DG  P     OP1    doub N N 124 
DG  P     OP2    sing N N 125 
DG  P     "O5'"  sing N N 126 
DG  OP2   HOP2   sing N N 127 
DG  "O5'" "C5'"  sing N N 128 
DG  "C5'" "C4'"  sing N N 129 
DG  "C5'" "H5'"  sing N N 130 
DG  "C5'" "H5''" sing N N 131 
DG  "C4'" "O4'"  sing N N 132 
DG  "C4'" "C3'"  sing N N 133 
DG  "C4'" "H4'"  sing N N 134 
DG  "O4'" "C1'"  sing N N 135 
DG  "C3'" "O3'"  sing N N 136 
DG  "C3'" "C2'"  sing N N 137 
DG  "C3'" "H3'"  sing N N 138 
DG  "O3'" "HO3'" sing N N 139 
DG  "C2'" "C1'"  sing N N 140 
DG  "C2'" "H2'"  sing N N 141 
DG  "C2'" "H2''" sing N N 142 
DG  "C1'" N9     sing N N 143 
DG  "C1'" "H1'"  sing N N 144 
DG  N9    C8     sing Y N 145 
DG  N9    C4     sing Y N 146 
DG  C8    N7     doub Y N 147 
DG  C8    H8     sing N N 148 
DG  N7    C5     sing Y N 149 
DG  C5    C6     sing N N 150 
DG  C5    C4     doub Y N 151 
DG  C6    O6     doub N N 152 
DG  C6    N1     sing N N 153 
DG  N1    C2     sing N N 154 
DG  N1    H1     sing N N 155 
DG  C2    N2     sing N N 156 
DG  C2    N3     doub N N 157 
DG  N2    H21    sing N N 158 
DG  N2    H22    sing N N 159 
DG  N3    C4     sing N N 160 
DT  OP3   P      sing N N 161 
DT  OP3   HOP3   sing N N 162 
DT  P     OP1    doub N N 163 
DT  P     OP2    sing N N 164 
DT  P     "O5'"  sing N N 165 
DT  OP2   HOP2   sing N N 166 
DT  "O5'" "C5'"  sing N N 167 
DT  "C5'" "C4'"  sing N N 168 
DT  "C5'" "H5'"  sing N N 169 
DT  "C5'" "H5''" sing N N 170 
DT  "C4'" "O4'"  sing N N 171 
DT  "C4'" "C3'"  sing N N 172 
DT  "C4'" "H4'"  sing N N 173 
DT  "O4'" "C1'"  sing N N 174 
DT  "C3'" "O3'"  sing N N 175 
DT  "C3'" "C2'"  sing N N 176 
DT  "C3'" "H3'"  sing N N 177 
DT  "O3'" "HO3'" sing N N 178 
DT  "C2'" "C1'"  sing N N 179 
DT  "C2'" "H2'"  sing N N 180 
DT  "C2'" "H2''" sing N N 181 
DT  "C1'" N1     sing N N 182 
DT  "C1'" "H1'"  sing N N 183 
DT  N1    C2     sing N N 184 
DT  N1    C6     sing N N 185 
DT  C2    O2     doub N N 186 
DT  C2    N3     sing N N 187 
DT  N3    C4     sing N N 188 
DT  N3    H3     sing N N 189 
DT  C4    O4     doub N N 190 
DT  C4    C5     sing N N 191 
DT  C5    C7     sing N N 192 
DT  C5    C6     doub N N 193 
DT  C7    H71    sing N N 194 
DT  C7    H72    sing N N 195 
DT  C7    H73    sing N N 196 
DT  C6    H6     sing N N 197 
HOH O     H1     sing N N 198 
HOH O     H2     sing N N 199 
# 
_ndb_struct_conf_na.entry_id   2NLM 
_ndb_struct_conf_na.feature    'b-form double helix' 
# 
loop_
_ndb_struct_na_base_pair.model_number 
_ndb_struct_na_base_pair.i_label_asym_id 
_ndb_struct_na_base_pair.i_label_comp_id 
_ndb_struct_na_base_pair.i_label_seq_id 
_ndb_struct_na_base_pair.i_symmetry 
_ndb_struct_na_base_pair.j_label_asym_id 
_ndb_struct_na_base_pair.j_label_comp_id 
_ndb_struct_na_base_pair.j_label_seq_id 
_ndb_struct_na_base_pair.j_symmetry 
_ndb_struct_na_base_pair.shear 
_ndb_struct_na_base_pair.stretch 
_ndb_struct_na_base_pair.stagger 
_ndb_struct_na_base_pair.buckle 
_ndb_struct_na_base_pair.propeller 
_ndb_struct_na_base_pair.opening 
_ndb_struct_na_base_pair.pair_number 
_ndb_struct_na_base_pair.pair_name 
_ndb_struct_na_base_pair.i_auth_asym_id 
_ndb_struct_na_base_pair.i_auth_seq_id 
_ndb_struct_na_base_pair.i_PDB_ins_code 
_ndb_struct_na_base_pair.j_auth_asym_id 
_ndb_struct_na_base_pair.j_auth_seq_id 
_ndb_struct_na_base_pair.j_PDB_ins_code 
_ndb_struct_na_base_pair.hbond_type_28 
_ndb_struct_na_base_pair.hbond_type_12 
1 A DC 1  1_555 B DG 12 1_555 0.060  0.049  -0.017 10.300  -16.630 -1.694 1  A_DC1:DG24_B  A 1  ? B 24 ? 19 1 
1 A DG 2  1_555 B DC 11 1_555 -0.105 -0.323 -0.245 -1.025  -12.103 -6.823 2  A_DG2:DC23_B  A 2  ? B 23 ? 19 1 
1 A DC 3  1_555 B DG 10 1_555 -0.052 -0.225 0.049  -3.782  -12.313 1.828  3  A_DC3:DG22_B  A 3  ? B 22 ? 19 1 
1 A DG 4  1_555 B DC 9  1_555 -0.689 -0.303 0.200  16.358  -5.695  -1.637 4  A_DG4:DC21_B  A 4  ? B 21 ? 19 1 
1 A DA 5  1_555 B DT 8  1_555 0.086  -0.234 0.336  13.945  -18.431 -0.072 5  A_DA5:DT20_B  A 5  ? B 20 ? 20 1 
1 A DA 6  1_555 B DT 7  1_555 -0.119 0.029  -0.020 2.183   -18.184 6.098  6  A_DA6:DT19_B  A 6  ? B 19 ? 20 1 
1 A DT 7  1_555 B DA 6  1_555 -0.431 0.033  0.381  -5.229  -17.038 5.331  7  A_DT7:DA18_B  A 7  ? B 18 ? 20 1 
1 A DT 8  1_555 B DA 5  1_555 0.064  -0.180 -0.120 0.091   -21.844 1.807  8  A_DT8:DA17_B  A 8  ? B 17 ? 20 1 
1 A DC 9  1_555 B DG 4  1_555 0.125  0.096  0.446  -14.953 -14.960 2.192  9  A_DC9:DG16_B  A 9  ? B 16 ? 19 1 
1 A DG 10 1_555 B DC 3  1_555 0.170  -0.265 0.042  -1.098  -3.657  0.203  10 A_DG10:DC15_B A 10 ? B 15 ? 19 1 
1 A DC 11 1_555 B DG 2  1_555 -0.419 -0.078 0.475  -0.466  -18.663 -7.023 11 A_DC11:DG14_B A 11 ? B 14 ? 19 1 
1 A DG 12 1_555 B DC 1  1_555 -0.850 -0.437 -1.147 1.555   20.300  -8.088 12 A_DG12:DC13_B A 12 ? B 13 ? 19 1 
# 
loop_
_ndb_struct_na_base_pair_step.model_number 
_ndb_struct_na_base_pair_step.i_label_asym_id_1 
_ndb_struct_na_base_pair_step.i_label_comp_id_1 
_ndb_struct_na_base_pair_step.i_label_seq_id_1 
_ndb_struct_na_base_pair_step.i_symmetry_1 
_ndb_struct_na_base_pair_step.j_label_asym_id_1 
_ndb_struct_na_base_pair_step.j_label_comp_id_1 
_ndb_struct_na_base_pair_step.j_label_seq_id_1 
_ndb_struct_na_base_pair_step.j_symmetry_1 
_ndb_struct_na_base_pair_step.i_label_asym_id_2 
_ndb_struct_na_base_pair_step.i_label_comp_id_2 
_ndb_struct_na_base_pair_step.i_label_seq_id_2 
_ndb_struct_na_base_pair_step.i_symmetry_2 
_ndb_struct_na_base_pair_step.j_label_asym_id_2 
_ndb_struct_na_base_pair_step.j_label_comp_id_2 
_ndb_struct_na_base_pair_step.j_label_seq_id_2 
_ndb_struct_na_base_pair_step.j_symmetry_2 
_ndb_struct_na_base_pair_step.shift 
_ndb_struct_na_base_pair_step.slide 
_ndb_struct_na_base_pair_step.rise 
_ndb_struct_na_base_pair_step.tilt 
_ndb_struct_na_base_pair_step.roll 
_ndb_struct_na_base_pair_step.twist 
_ndb_struct_na_base_pair_step.x_displacement 
_ndb_struct_na_base_pair_step.y_displacement 
_ndb_struct_na_base_pair_step.helical_rise 
_ndb_struct_na_base_pair_step.inclination 
_ndb_struct_na_base_pair_step.tip 
_ndb_struct_na_base_pair_step.helical_twist 
_ndb_struct_na_base_pair_step.step_number 
_ndb_struct_na_base_pair_step.step_name 
_ndb_struct_na_base_pair_step.i_auth_asym_id_1 
_ndb_struct_na_base_pair_step.i_auth_seq_id_1 
_ndb_struct_na_base_pair_step.i_PDB_ins_code_1 
_ndb_struct_na_base_pair_step.j_auth_asym_id_1 
_ndb_struct_na_base_pair_step.j_auth_seq_id_1 
_ndb_struct_na_base_pair_step.j_PDB_ins_code_1 
_ndb_struct_na_base_pair_step.i_auth_asym_id_2 
_ndb_struct_na_base_pair_step.i_auth_seq_id_2 
_ndb_struct_na_base_pair_step.i_PDB_ins_code_2 
_ndb_struct_na_base_pair_step.j_auth_asym_id_2 
_ndb_struct_na_base_pair_step.j_auth_seq_id_2 
_ndb_struct_na_base_pair_step.j_PDB_ins_code_2 
1 A DC 1  1_555 B DG 12 1_555 A DG 2  1_555 B DC 11 1_555 -0.313 0.111  3.663 3.312  7.249   36.514 -0.898 0.979  3.578 11.403  
-5.209  37.345 1  AA_DC1DG2:DC23DG24_BB   A 1  ? B 24 ? A 2  ? B 23 ? 
1 A DG 2  1_555 B DC 11 1_555 A DC 3  1_555 B DG 10 1_555 1.021  0.648  3.292 0.519  -3.180  39.686 1.320  -1.439 3.245 -4.674  
-0.762  39.811 2  AA_DG2DC3:DG22DC23_BB   A 2  ? B 23 ? A 3  ? B 22 ? 
1 A DC 3  1_555 B DG 10 1_555 A DG 4  1_555 B DC 9  1_555 -0.198 0.820  2.979 -0.852 9.743   25.661 -0.575 0.216  3.082 20.989  
1.836   27.433 3  AA_DC3DG4:DC21DG22_BB   A 3  ? B 22 ? A 4  ? B 21 ? 
1 A DG 4  1_555 B DC 9  1_555 A DA 5  1_555 B DT 8  1_555 -0.097 -0.223 3.296 -0.357 3.273   38.867 -0.731 0.102  3.268 4.908   
0.535   39.001 4  AA_DG4DA5:DT20DC21_BB   A 4  ? B 21 ? A 5  ? B 20 ? 
1 A DA 5  1_555 B DT 8  1_555 A DA 6  1_555 B DT 7  1_555 0.353  -0.400 3.524 2.636  2.101   35.899 -0.968 -0.167 3.512 3.399   
-4.265  36.052 5  AA_DA5DA6:DT19DT20_BB   A 5  ? B 20 ? A 6  ? B 19 ? 
1 A DA 6  1_555 B DT 7  1_555 A DT 7  1_555 B DA 6  1_555 -0.019 -0.807 3.353 -2.417 -0.447  31.078 -1.415 -0.438 3.355 -0.832  
4.502   31.173 6  AA_DA6DT7:DA18DT19_BB   A 6  ? B 19 ? A 7  ? B 18 ? 
1 A DT 7  1_555 B DA 6  1_555 A DT 8  1_555 B DA 5  1_555 -0.268 -0.126 3.075 5.899  -2.876  36.674 0.160  1.152  2.999 -4.526  
-9.284  37.237 7  AA_DT7DT8:DA17DA18_BB   A 7  ? B 18 ? A 8  ? B 17 ? 
1 A DT 8  1_555 B DA 5  1_555 A DC 9  1_555 B DG 4  1_555 0.012  -0.045 3.586 -2.811 -1.442  40.684 0.110  -0.357 3.577 -2.071  
4.036   40.801 8  AA_DT8DC9:DG16DA17_BB   A 8  ? B 17 ? A 9  ? B 16 ? 
1 A DC 9  1_555 B DG 4  1_555 A DG 10 1_555 B DC 3  1_555 0.531  0.891  3.154 0.560  4.105   29.951 0.889  -0.906 3.253 7.896   
-1.078  30.229 9  AA_DC9DG10:DC15DG16_BB  A 9  ? B 16 ? A 10 ? B 15 ? 
1 A DG 10 1_555 B DC 3  1_555 A DC 11 1_555 B DG 2  1_555 -1.248 0.567  3.362 -5.705 -13.284 39.127 2.247  1.135  3.159 -19.063 
8.186   41.614 10 AA_DG10DC11:DG14DC15_BB A 10 ? B 15 ? A 11 ? B 14 ? 
1 A DC 11 1_555 B DG 2  1_555 A DG 12 1_555 B DC 1  1_555 1.228  0.393  3.673 12.705 -8.619  35.558 1.845  -0.013 3.696 -13.371 
-19.710 38.632 11 AA_DC11DG12:DC13DG14_BB A 11 ? B 14 ? A 12 ? B 13 ? 
# 
loop_
_pdbx_entity_nonpoly.entity_id 
_pdbx_entity_nonpoly.name 
_pdbx_entity_nonpoly.comp_id 
2 'MAGNESIUM ION'                                                               MG  
3 "2-{4'-[AMINO(IMINO)METHYL]BIPHENYL-3-YL}-1H-BENZIMIDAZOLE-6-CARBOXIMIDAMIDE" DB9 
4 water                                                                         HOH 
# 
_pdbx_initial_refinement_model.id               1 
_pdbx_initial_refinement_model.entity_id_list   ? 
_pdbx_initial_refinement_model.type             'experimental model' 
_pdbx_initial_refinement_model.source_name      PDB 
_pdbx_initial_refinement_model.accession_code   2DBE 
_pdbx_initial_refinement_model.details          'DNA PART OF NDB ENTRY GDL009 OR PDB ENTRY 2DBE.' 
# 
